data_4I9D
#
_entry.id   4I9D
#
_cell.length_a   86.670
_cell.length_b   94.730
_cell.length_c   124.870
_cell.angle_alpha   90.000
_cell.angle_beta   90.000
_cell.angle_gamma   90.000
#
_symmetry.space_group_name_H-M   'P 21 21 21'
#
loop_
_entity.id
_entity.type
_entity.pdbx_description
1 polymer 'Nickel-binding periplasmic protein'
2 non-polymer 'ACETATE ION'
3 non-polymer GLYCEROL
4 non-polymer 'SULFATE ION'
5 non-polymer {(S)-N-(2-{methyl[(pyridin-2-yl-kappaN)methyl]amino-kappaN}ethyl)-N-[(pyridin-2-yl-kappaN)methyl]glycinato-kappa~2~N,O}iron(2+)
6 water water
#
_entity_poly.entity_id   1
_entity_poly.type   'polypeptide(L)'
_entity_poly.pdbx_seq_one_letter_code
;AAPDEITTAWPVNVGPLNPHLYTPNQMFAQSMVYEPLVKYQADGSVIPWLAKSWTHSEDGKTWTFTLRDDVKFSNGEPFD
AEAAAENFRAVLDNRQRHAWLELANQIVDVKALSKTELQITLKSAYYPFLQELALPRPFRFIAPSQFKNHETMNGIKAPI
GTGPWILQESKLNQYDVFVRNENYWGEKPAIKKITFNVIPDPTTRAVAFETGDIDLLYGNEGLLPLDTFARFSQNPAYHT
QLSQPIETVMLALNTAKAPTNELAVREALNYAVNKKSLIDNALYGTQQVADTLFAPSVPYANLGLKPSQYDPQKAKALLE
KAGWTLPAGKDIREKNGQPLRIELSFIGTDALSKSMAEIIQADMRQIGADVSLIGEEESSIYARQRDGRFGMIFHRTWGA
PYDPHAFLSSMRVPSHADFQAQQGLADKPLIDKEIGEVLATHDETQRQALYRDILTRLHDEAVYLPISYISMMVVSKPEL
GNIPYAPIATEIPFEQIKPVKP
;
_entity_poly.pdbx_strand_id   A,B
#
loop_
_chem_comp.id
_chem_comp.type
_chem_comp.name
_chem_comp.formula
ACT non-polymer 'ACETATE ION' 'C2 H3 O2 -1'
GOL non-polymer GLYCEROL 'C3 H8 O3'
L4D non-polymer {(S)-N-(2-{methyl[(pyridin-2-yl-kappaN)methyl]amino-kappaN}ethyl)-N-[(pyridin-2-yl-kappaN)methyl]glycinato-kappa~2~N,O}iron(2+) 'C17 H21 Fe N4 O2 2'
SO4 non-polymer 'SULFATE ION' 'O4 S -2'
#
# COMPACT_ATOMS: atom_id res chain seq x y z
N PRO A 3 2.82 23.09 -19.53
CA PRO A 3 2.81 23.25 -18.03
C PRO A 3 1.63 22.51 -17.37
N ASP A 4 0.54 22.46 -18.12
CA ASP A 4 -0.64 21.68 -17.86
C ASP A 4 -0.88 20.76 -19.07
N GLU A 5 0.18 20.48 -19.82
CA GLU A 5 0.19 19.46 -20.81
C GLU A 5 1.39 18.57 -20.55
N ILE A 6 1.20 17.25 -20.67
CA ILE A 6 2.31 16.33 -20.54
C ILE A 6 2.46 15.37 -21.68
N THR A 7 3.67 14.85 -21.86
CA THR A 7 3.93 13.89 -22.90
C THR A 7 4.47 12.65 -22.17
N THR A 8 3.96 11.47 -22.53
CA THR A 8 4.40 10.28 -21.87
C THR A 8 4.55 9.25 -22.97
N ALA A 9 4.60 7.99 -22.60
CA ALA A 9 4.82 6.96 -23.61
C ALA A 9 4.06 5.70 -23.27
N TRP A 10 3.86 4.86 -24.27
CA TRP A 10 3.23 3.56 -24.08
C TRP A 10 3.80 2.63 -25.15
N PRO A 11 3.86 1.35 -24.91
CA PRO A 11 4.61 0.53 -25.94
C PRO A 11 3.89 0.37 -27.29
N VAL A 12 2.56 0.58 -27.21
CA VAL A 12 1.67 0.52 -28.38
C VAL A 12 0.61 1.63 -28.31
N ASN A 13 -0.09 1.89 -29.42
CA ASN A 13 -1.24 2.87 -29.39
C ASN A 13 -2.30 2.37 -28.46
N VAL A 14 -3.24 3.27 -28.07
CA VAL A 14 -4.18 2.84 -27.11
C VAL A 14 -5.28 1.94 -27.69
N GLY A 15 -5.37 1.87 -28.99
CA GLY A 15 -6.42 1.04 -29.63
C GLY A 15 -7.67 1.88 -29.94
N PRO A 16 -8.74 1.20 -30.40
CA PRO A 16 -9.95 1.93 -30.81
C PRO A 16 -10.71 2.49 -29.65
N LEU A 17 -10.44 2.00 -28.47
CA LEU A 17 -11.18 2.35 -27.26
C LEU A 17 -12.64 1.94 -27.34
N ASN A 18 -12.83 0.72 -27.79
CA ASN A 18 -14.09 0.07 -27.59
C ASN A 18 -14.16 -0.32 -26.12
N PRO A 19 -15.18 0.16 -25.35
CA PRO A 19 -15.14 -0.12 -23.91
C PRO A 19 -15.35 -1.60 -23.58
N HIS A 20 -15.85 -2.40 -24.57
CA HIS A 20 -16.35 -3.71 -24.23
C HIS A 20 -15.49 -4.81 -24.83
N LEU A 21 -14.37 -4.48 -25.43
CA LEU A 21 -13.48 -5.45 -26.03
C LEU A 21 -12.11 -5.40 -25.40
N TYR A 22 -11.25 -6.34 -25.85
CA TYR A 22 -9.93 -6.49 -25.19
C TYR A 22 -8.88 -6.09 -26.18
N THR A 23 -7.88 -6.92 -26.41
CA THR A 23 -6.83 -6.39 -27.25
CA THR A 23 -6.85 -6.59 -27.43
C THR A 23 -7.42 -6.06 -28.69
N PRO A 24 -6.89 -4.99 -29.32
CA PRO A 24 -5.74 -4.17 -28.92
C PRO A 24 -6.05 -2.94 -28.06
N ASN A 25 -7.24 -2.88 -27.45
CA ASN A 25 -7.53 -1.79 -26.50
C ASN A 25 -6.67 -1.88 -25.30
N GLN A 26 -6.15 -0.76 -24.80
CA GLN A 26 -5.30 -0.72 -23.60
C GLN A 26 -6.14 -0.31 -22.41
N MET A 27 -6.11 -1.13 -21.35
CA MET A 27 -7.09 -0.99 -20.30
C MET A 27 -6.95 0.40 -19.69
N PHE A 28 -5.72 0.89 -19.51
CA PHE A 28 -5.64 2.19 -18.79
C PHE A 28 -6.30 3.33 -19.62
N ALA A 29 -6.35 3.20 -20.94
CA ALA A 29 -6.93 4.24 -21.83
C ALA A 29 -8.46 4.07 -21.79
N GLN A 30 -8.97 2.81 -21.88
CA GLN A 30 -10.41 2.58 -21.63
C GLN A 30 -10.83 3.22 -20.31
N SER A 31 -9.99 3.11 -19.28
CA SER A 31 -10.36 3.70 -18.02
C SER A 31 -10.28 5.24 -17.96
N MET A 32 -9.56 5.85 -18.87
CA MET A 32 -9.53 7.32 -18.91
C MET A 32 -10.81 7.91 -19.52
N VAL A 33 -11.43 7.19 -20.46
CA VAL A 33 -12.61 7.70 -21.22
C VAL A 33 -13.91 7.18 -20.64
N TYR A 34 -13.92 5.93 -20.18
CA TYR A 34 -15.18 5.31 -19.72
C TYR A 34 -15.23 5.05 -18.25
N GLU A 35 -16.44 5.07 -17.67
CA GLU A 35 -16.58 5.02 -16.26
C GLU A 35 -17.56 3.95 -15.82
N PRO A 36 -17.44 3.48 -14.57
CA PRO A 36 -18.25 2.45 -13.98
C PRO A 36 -19.42 2.97 -13.17
N LEU A 37 -20.37 2.08 -12.84
CA LEU A 37 -21.50 2.48 -11.95
C LEU A 37 -20.98 2.84 -10.54
N VAL A 38 -19.96 2.08 -10.10
CA VAL A 38 -19.39 2.26 -8.73
C VAL A 38 -17.86 2.18 -8.90
N LYS A 39 -17.14 2.88 -8.02
CA LYS A 39 -15.70 3.12 -8.21
C LYS A 39 -14.93 2.41 -7.11
N TYR A 40 -13.99 1.54 -7.50
CA TYR A 40 -13.13 0.83 -6.55
C TYR A 40 -12.19 1.77 -5.76
N GLN A 41 -12.07 1.49 -4.44
CA GLN A 41 -11.19 2.29 -3.53
C GLN A 41 -10.04 1.34 -3.00
N ALA A 42 -8.94 1.97 -2.62
CA ALA A 42 -7.73 1.25 -2.09
C ALA A 42 -8.07 0.32 -0.94
N ASP A 43 -9.08 0.67 -0.14
CA ASP A 43 -9.53 -0.23 0.93
C ASP A 43 -10.35 -1.45 0.60
N GLY A 44 -10.66 -1.62 -0.70
CA GLY A 44 -11.36 -2.77 -1.23
C GLY A 44 -12.85 -2.53 -1.37
N SER A 45 -13.34 -1.38 -0.86
CA SER A 45 -14.75 -1.05 -1.01
C SER A 45 -14.91 -0.41 -2.40
N VAL A 46 -16.17 -0.12 -2.76
CA VAL A 46 -16.45 0.76 -3.86
C VAL A 46 -17.23 1.94 -3.32
N ILE A 47 -17.24 3.01 -4.07
CA ILE A 47 -18.07 4.16 -3.68
C ILE A 47 -19.06 4.36 -4.85
N PRO A 48 -20.19 5.05 -4.55
CA PRO A 48 -21.00 5.61 -5.63
C PRO A 48 -20.20 6.32 -6.73
N TRP A 49 -20.65 6.15 -7.98
CA TRP A 49 -19.98 6.82 -9.05
C TRP A 49 -21.05 7.24 -10.02
N LEU A 50 -21.18 6.65 -11.21
CA LEU A 50 -22.39 6.99 -12.01
C LEU A 50 -23.68 6.52 -11.38
N ALA A 51 -23.62 5.49 -10.52
CA ALA A 51 -24.72 5.13 -9.63
C ALA A 51 -24.54 5.92 -8.31
N LYS A 52 -25.57 6.65 -7.89
CA LYS A 52 -25.52 7.39 -6.59
C LYS A 52 -25.76 6.48 -5.43
N SER A 53 -26.60 5.46 -5.61
CA SER A 53 -26.93 4.57 -4.57
C SER A 53 -27.56 3.31 -5.13
N TRP A 54 -27.75 2.32 -4.30
CA TRP A 54 -28.29 1.04 -4.69
C TRP A 54 -28.89 0.27 -3.54
N THR A 55 -29.78 -0.65 -3.87
CA THR A 55 -30.46 -1.52 -2.92
C THR A 55 -30.33 -2.93 -3.49
N HIS A 56 -30.43 -3.94 -2.64
CA HIS A 56 -30.56 -5.29 -3.13
C HIS A 56 -31.62 -6.03 -2.41
N SER A 57 -32.13 -7.05 -3.06
CA SER A 57 -33.13 -7.94 -2.49
C SER A 57 -32.55 -8.79 -1.34
N GLU A 58 -33.46 -9.40 -0.55
CA GLU A 58 -33.01 -10.15 0.61
C GLU A 58 -32.14 -11.38 0.16
N ASP A 59 -32.46 -11.96 -0.99
CA ASP A 59 -31.76 -13.16 -1.47
C ASP A 59 -30.47 -12.76 -2.19
N GLY A 60 -30.16 -11.45 -2.24
CA GLY A 60 -28.92 -11.00 -2.85
C GLY A 60 -28.88 -11.06 -4.37
N LYS A 61 -30.02 -11.40 -5.02
CA LYS A 61 -29.93 -11.67 -6.50
C LYS A 61 -30.40 -10.43 -7.30
N THR A 62 -31.25 -9.57 -6.72
CA THR A 62 -31.78 -8.48 -7.57
C THR A 62 -31.27 -7.15 -7.02
N TRP A 63 -30.64 -6.31 -7.85
CA TRP A 63 -30.04 -5.06 -7.37
C TRP A 63 -30.62 -3.92 -8.13
N THR A 64 -30.91 -2.84 -7.44
CA THR A 64 -31.47 -1.69 -8.11
C THR A 64 -30.62 -0.47 -7.83
N PHE A 65 -30.06 0.09 -8.88
CA PHE A 65 -29.22 1.23 -8.78
C PHE A 65 -29.95 2.51 -9.14
N THR A 66 -29.78 3.56 -8.29
CA THR A 66 -30.26 4.86 -8.59
C THR A 66 -29.13 5.62 -9.23
N LEU A 67 -29.30 6.10 -10.46
CA LEU A 67 -28.22 6.71 -11.20
C LEU A 67 -28.19 8.24 -10.99
N ARG A 68 -27.05 8.85 -11.07
CA ARG A 68 -26.94 10.30 -11.26
C ARG A 68 -27.83 10.74 -12.37
N ASP A 69 -28.38 11.95 -12.21
CA ASP A 69 -29.19 12.47 -13.30
C ASP A 69 -28.57 13.64 -14.02
N ASP A 70 -27.31 13.96 -13.73
CA ASP A 70 -26.66 15.12 -14.25
C ASP A 70 -25.45 14.84 -15.18
N VAL A 71 -25.34 13.59 -15.66
CA VAL A 71 -24.15 13.20 -16.35
C VAL A 71 -24.42 13.18 -17.82
N LYS A 72 -23.48 13.77 -18.56
N LYS A 72 -23.55 13.79 -18.61
CA LYS A 72 -23.48 13.77 -19.99
CA LYS A 72 -23.66 13.59 -20.02
C LYS A 72 -22.30 13.01 -20.60
C LYS A 72 -22.41 12.92 -20.51
N PHE A 73 -22.58 12.21 -21.64
CA PHE A 73 -21.45 11.72 -22.42
C PHE A 73 -20.76 12.94 -23.06
N SER A 74 -19.55 12.74 -23.58
CA SER A 74 -18.68 13.89 -23.92
C SER A 74 -19.23 14.61 -25.17
N ASN A 75 -20.10 13.89 -25.90
CA ASN A 75 -20.80 14.44 -27.09
C ASN A 75 -22.16 15.12 -26.75
N GLY A 76 -22.46 15.34 -25.46
CA GLY A 76 -23.68 16.00 -25.01
C GLY A 76 -24.89 15.11 -24.77
N GLU A 77 -24.84 13.87 -25.25
CA GLU A 77 -25.98 13.02 -25.06
C GLU A 77 -26.09 12.58 -23.58
N PRO A 78 -27.30 12.33 -23.10
CA PRO A 78 -27.40 12.03 -21.70
C PRO A 78 -26.99 10.60 -21.35
N PHE A 79 -26.43 10.48 -20.15
CA PHE A 79 -26.27 9.17 -19.53
C PHE A 79 -27.51 9.00 -18.64
N ASP A 80 -28.23 7.91 -18.85
CA ASP A 80 -29.35 7.55 -18.00
C ASP A 80 -29.48 6.06 -18.00
N ALA A 81 -30.50 5.57 -17.35
CA ALA A 81 -30.59 4.11 -17.15
C ALA A 81 -30.78 3.40 -18.47
N GLU A 82 -31.41 4.04 -19.48
CA GLU A 82 -31.57 3.36 -20.74
CA GLU A 82 -31.59 3.37 -20.76
C GLU A 82 -30.22 3.15 -21.43
N ALA A 83 -29.38 4.20 -21.39
CA ALA A 83 -28.05 4.09 -21.95
C ALA A 83 -27.27 3.04 -21.19
N ALA A 84 -27.39 2.97 -19.88
CA ALA A 84 -26.63 1.92 -19.16
C ALA A 84 -27.15 0.55 -19.55
N ALA A 85 -28.46 0.39 -19.60
CA ALA A 85 -29.03 -0.93 -19.87
C ALA A 85 -28.59 -1.34 -21.27
N GLU A 86 -28.47 -0.38 -22.22
CA GLU A 86 -28.12 -0.80 -23.58
CA GLU A 86 -28.11 -0.76 -23.60
C GLU A 86 -26.69 -1.24 -23.65
N ASN A 87 -25.88 -0.62 -22.76
CA ASN A 87 -24.47 -1.09 -22.64
C ASN A 87 -24.36 -2.53 -22.10
N PHE A 88 -25.07 -2.83 -21.03
CA PHE A 88 -25.04 -4.18 -20.55
C PHE A 88 -25.51 -5.18 -21.62
N ARG A 89 -26.61 -4.83 -22.33
CA ARG A 89 -27.06 -5.71 -23.44
C ARG A 89 -25.90 -5.90 -24.49
N ALA A 90 -25.22 -4.79 -24.88
CA ALA A 90 -24.17 -4.90 -25.91
C ALA A 90 -23.06 -5.80 -25.41
N VAL A 91 -22.68 -5.67 -24.14
CA VAL A 91 -21.65 -6.53 -23.58
C VAL A 91 -22.11 -8.00 -23.59
N LEU A 92 -23.32 -8.25 -23.10
CA LEU A 92 -23.76 -9.63 -22.91
C LEU A 92 -24.17 -10.30 -24.22
N ASP A 93 -24.41 -9.49 -25.25
CA ASP A 93 -24.57 -10.03 -26.63
C ASP A 93 -23.30 -10.65 -27.08
N ASN A 94 -22.21 -10.45 -26.35
CA ASN A 94 -20.93 -11.07 -26.65
C ASN A 94 -20.46 -11.91 -25.46
N ARG A 95 -21.41 -12.51 -24.76
CA ARG A 95 -21.15 -13.12 -23.46
C ARG A 95 -19.95 -14.08 -23.47
N GLN A 96 -19.88 -14.94 -24.49
CA GLN A 96 -18.83 -15.95 -24.57
CA GLN A 96 -18.85 -15.96 -24.33
C GLN A 96 -17.46 -15.34 -24.35
N ARG A 97 -17.26 -14.16 -24.91
CA ARG A 97 -15.92 -13.56 -24.81
C ARG A 97 -15.52 -13.16 -23.38
N HIS A 98 -16.51 -13.02 -22.47
CA HIS A 98 -16.22 -12.55 -21.15
C HIS A 98 -16.29 -13.65 -20.19
N ALA A 99 -16.20 -14.89 -20.68
CA ALA A 99 -16.29 -16.08 -19.75
C ALA A 99 -15.33 -16.07 -18.58
N TRP A 100 -14.19 -15.44 -18.75
CA TRP A 100 -13.21 -15.37 -17.64
C TRP A 100 -13.72 -14.59 -16.44
N LEU A 101 -14.69 -13.74 -16.64
CA LEU A 101 -15.22 -12.87 -15.58
C LEU A 101 -16.55 -13.38 -15.15
N GLU A 102 -16.65 -13.85 -13.93
CA GLU A 102 -17.84 -14.60 -13.54
C GLU A 102 -19.08 -13.72 -13.51
N LEU A 103 -18.99 -12.39 -13.18
CA LEU A 103 -20.23 -11.58 -13.28
C LEU A 103 -20.84 -11.70 -14.66
N ALA A 104 -20.06 -11.90 -15.73
CA ALA A 104 -20.69 -12.00 -17.06
C ALA A 104 -21.55 -13.28 -17.25
N ASN A 105 -21.29 -14.31 -16.46
CA ASN A 105 -22.10 -15.46 -16.49
C ASN A 105 -23.21 -15.31 -15.45
N GLN A 106 -23.09 -14.38 -14.51
CA GLN A 106 -24.09 -14.24 -13.42
C GLN A 106 -25.23 -13.35 -13.81
N ILE A 107 -25.01 -12.41 -14.72
CA ILE A 107 -26.09 -11.46 -14.96
C ILE A 107 -27.14 -12.15 -15.79
N VAL A 108 -28.38 -12.20 -15.27
CA VAL A 108 -29.44 -12.84 -16.05
C VAL A 108 -30.35 -11.77 -16.70
N ASP A 109 -30.45 -10.53 -16.18
CA ASP A 109 -31.22 -9.52 -16.83
C ASP A 109 -30.75 -8.13 -16.39
N VAL A 110 -30.81 -7.17 -17.29
CA VAL A 110 -30.65 -5.75 -16.89
C VAL A 110 -31.70 -4.90 -17.56
N LYS A 111 -32.44 -4.17 -16.75
CA LYS A 111 -33.47 -3.32 -17.40
C LYS A 111 -33.48 -1.96 -16.76
N ALA A 112 -33.78 -0.93 -17.56
CA ALA A 112 -34.05 0.42 -17.01
C ALA A 112 -35.50 0.43 -16.50
N LEU A 113 -35.72 0.71 -15.24
CA LEU A 113 -37.08 0.83 -14.70
C LEU A 113 -37.62 2.26 -14.90
N SER A 114 -36.73 3.21 -15.07
CA SER A 114 -37.07 4.62 -15.32
C SER A 114 -35.78 5.26 -15.80
N LYS A 115 -35.73 6.58 -16.03
CA LYS A 115 -34.45 7.20 -16.42
C LYS A 115 -33.34 7.14 -15.37
N THR A 116 -33.73 6.91 -14.12
CA THR A 116 -32.77 6.97 -13.05
C THR A 116 -32.64 5.65 -12.36
N GLU A 117 -33.48 4.68 -12.64
CA GLU A 117 -33.36 3.44 -11.87
C GLU A 117 -32.97 2.29 -12.80
N LEU A 118 -31.93 1.54 -12.44
CA LEU A 118 -31.46 0.43 -13.28
C LEU A 118 -31.49 -0.83 -12.48
N GLN A 119 -32.17 -1.89 -12.98
CA GLN A 119 -32.28 -3.08 -12.21
C GLN A 119 -31.42 -4.21 -12.80
N ILE A 120 -30.56 -4.86 -11.99
CA ILE A 120 -29.70 -5.99 -12.50
C ILE A 120 -30.07 -7.17 -11.68
N THR A 121 -30.39 -8.27 -12.34
CA THR A 121 -30.72 -9.53 -11.70
C THR A 121 -29.64 -10.55 -11.97
N LEU A 122 -29.29 -11.27 -10.90
CA LEU A 122 -28.17 -12.27 -11.00
C LEU A 122 -28.72 -13.66 -10.78
N LYS A 123 -27.97 -14.64 -11.29
CA LYS A 123 -28.31 -16.08 -11.14
C LYS A 123 -28.14 -16.51 -9.73
N SER A 124 -27.16 -15.94 -9.05
CA SER A 124 -26.92 -16.27 -7.68
C SER A 124 -26.47 -15.03 -6.89
N ALA A 125 -26.34 -15.19 -5.58
CA ALA A 125 -25.89 -14.05 -4.71
C ALA A 125 -24.33 -13.92 -4.82
N TYR A 126 -23.91 -13.33 -5.94
CA TYR A 126 -22.51 -13.32 -6.33
C TYR A 126 -21.79 -12.23 -5.54
N TYR A 127 -20.95 -12.59 -4.61
CA TYR A 127 -20.44 -11.55 -3.67
C TYR A 127 -19.55 -10.42 -4.29
N PRO A 128 -18.72 -10.76 -5.29
CA PRO A 128 -17.85 -9.75 -5.86
C PRO A 128 -18.56 -8.86 -6.88
N PHE A 129 -19.91 -8.90 -6.92
CA PHE A 129 -20.67 -8.12 -7.96
C PHE A 129 -20.16 -6.68 -8.11
N LEU A 130 -20.12 -5.90 -7.02
CA LEU A 130 -19.80 -4.50 -7.20
C LEU A 130 -18.36 -4.23 -7.62
N GLN A 131 -17.48 -5.09 -7.13
CA GLN A 131 -16.09 -4.94 -7.49
C GLN A 131 -15.91 -5.27 -8.97
N GLU A 132 -16.70 -6.24 -9.53
CA GLU A 132 -16.50 -6.52 -10.94
C GLU A 132 -17.17 -5.43 -11.78
N LEU A 133 -18.27 -4.86 -11.28
CA LEU A 133 -18.79 -3.68 -12.01
C LEU A 133 -17.79 -2.50 -12.04
N ALA A 134 -16.84 -2.42 -11.07
CA ALA A 134 -15.87 -1.32 -11.03
C ALA A 134 -14.65 -1.50 -11.94
N LEU A 135 -14.52 -2.69 -12.53
CA LEU A 135 -13.31 -2.94 -13.35
C LEU A 135 -13.19 -2.05 -14.56
N PRO A 136 -12.02 -1.94 -15.17
CA PRO A 136 -11.84 -1.10 -16.34
C PRO A 136 -12.76 -1.54 -17.49
N ARG A 137 -12.97 -2.87 -17.61
CA ARG A 137 -13.81 -3.43 -18.77
C ARG A 137 -14.32 -4.74 -18.29
N PRO A 138 -15.46 -5.19 -18.78
CA PRO A 138 -16.20 -4.56 -19.86
C PRO A 138 -17.43 -3.71 -19.44
N PHE A 139 -17.70 -3.55 -18.12
CA PHE A 139 -19.00 -2.96 -17.77
C PHE A 139 -18.93 -1.43 -17.62
N ARG A 140 -18.37 -0.74 -18.60
CA ARG A 140 -18.37 0.68 -18.61
C ARG A 140 -19.11 1.20 -19.85
N PHE A 141 -19.38 2.52 -19.88
CA PHE A 141 -20.44 3.03 -20.74
C PHE A 141 -20.07 3.94 -21.87
N ILE A 142 -20.39 3.49 -23.09
CA ILE A 142 -20.18 4.35 -24.29
C ILE A 142 -21.58 4.84 -24.70
N ALA A 143 -21.62 6.03 -25.32
CA ALA A 143 -22.91 6.52 -25.80
C ALA A 143 -23.50 5.57 -26.79
N PRO A 144 -24.76 5.17 -26.55
CA PRO A 144 -25.40 4.24 -27.48
C PRO A 144 -25.45 4.67 -28.93
N SER A 145 -25.51 5.98 -29.17
CA SER A 145 -25.39 6.47 -30.52
C SER A 145 -24.20 6.02 -31.24
N GLN A 146 -23.15 5.58 -30.52
CA GLN A 146 -21.92 5.19 -31.16
C GLN A 146 -21.78 3.67 -31.33
N PHE A 147 -22.84 2.97 -31.00
CA PHE A 147 -22.88 1.52 -31.32
C PHE A 147 -22.94 1.43 -32.80
N LYS A 148 -22.50 0.29 -33.34
CA LYS A 148 -22.68 0.05 -34.82
C LYS A 148 -23.80 -0.99 -34.96
N ASN A 149 -24.86 -0.65 -35.72
CA ASN A 149 -26.10 -1.48 -35.77
CA ASN A 149 -25.94 -1.63 -35.85
C ASN A 149 -26.47 -2.08 -34.44
N HIS A 150 -26.56 -1.19 -33.45
CA HIS A 150 -27.12 -1.50 -32.13
C HIS A 150 -26.29 -2.44 -31.36
N GLU A 151 -25.02 -2.61 -31.77
CA GLU A 151 -24.11 -3.44 -30.98
C GLU A 151 -22.73 -2.78 -30.79
N THR A 152 -21.91 -3.37 -29.91
CA THR A 152 -20.48 -2.91 -29.85
C THR A 152 -19.51 -4.02 -30.19
N MET A 153 -19.98 -5.27 -30.23
CA MET A 153 -19.03 -6.40 -30.33
C MET A 153 -18.43 -6.48 -31.74
N ASN A 154 -19.04 -5.74 -32.68
CA ASN A 154 -18.58 -5.67 -34.10
C ASN A 154 -17.87 -4.31 -34.41
N GLY A 155 -17.60 -3.55 -33.35
CA GLY A 155 -16.95 -2.25 -33.46
C GLY A 155 -17.84 -1.13 -32.96
N ILE A 156 -17.22 0.05 -32.79
CA ILE A 156 -17.93 1.24 -32.40
C ILE A 156 -17.60 2.34 -33.40
N LYS A 157 -18.37 3.41 -33.28
CA LYS A 157 -18.10 4.62 -34.07
C LYS A 157 -17.08 5.47 -33.31
N ALA A 158 -17.48 6.58 -32.70
CA ALA A 158 -16.50 7.38 -31.94
C ALA A 158 -16.51 6.84 -30.48
N PRO A 159 -15.35 6.86 -29.84
CA PRO A 159 -15.21 6.29 -28.46
C PRO A 159 -15.66 7.33 -27.41
N ILE A 160 -16.98 7.54 -27.38
CA ILE A 160 -17.58 8.58 -26.56
C ILE A 160 -17.98 8.04 -25.19
N GLY A 161 -17.24 8.50 -24.17
CA GLY A 161 -17.54 8.10 -22.80
C GLY A 161 -18.03 9.28 -21.97
N THR A 162 -18.21 9.04 -20.67
CA THR A 162 -18.57 10.11 -19.67
C THR A 162 -17.36 10.65 -18.89
N GLY A 163 -16.20 9.98 -19.06
CA GLY A 163 -15.04 10.21 -18.21
C GLY A 163 -14.31 11.53 -18.40
N PRO A 164 -13.28 11.73 -17.58
CA PRO A 164 -12.58 13.06 -17.54
C PRO A 164 -11.65 13.34 -18.70
N TRP A 165 -11.40 12.35 -19.61
CA TRP A 165 -10.55 12.50 -20.76
C TRP A 165 -11.30 12.10 -22.03
N ILE A 166 -10.95 12.77 -23.08
CA ILE A 166 -11.51 12.47 -24.42
C ILE A 166 -10.38 12.18 -25.34
N LEU A 167 -10.44 11.13 -26.16
CA LEU A 167 -9.42 10.89 -27.19
C LEU A 167 -9.51 11.97 -28.29
N GLN A 168 -8.43 12.70 -28.51
CA GLN A 168 -8.42 13.76 -29.52
C GLN A 168 -8.09 13.18 -30.89
N GLU A 169 -6.99 12.42 -30.96
CA GLU A 169 -6.60 11.82 -32.17
C GLU A 169 -5.60 10.71 -31.87
N SER A 170 -5.53 9.76 -32.80
CA SER A 170 -4.56 8.67 -32.69
C SER A 170 -3.89 8.59 -34.01
N LYS A 171 -2.59 8.44 -34.00
CA LYS A 171 -1.84 8.12 -35.24
C LYS A 171 -1.08 6.78 -35.06
N LEU A 172 -1.46 5.75 -35.81
CA LEU A 172 -0.97 4.38 -35.60
C LEU A 172 0.53 4.27 -35.71
N ASN A 173 1.11 3.63 -34.71
CA ASN A 173 2.57 3.48 -34.60
C ASN A 173 3.34 4.75 -34.24
N GLN A 174 2.64 5.82 -33.91
CA GLN A 174 3.28 7.10 -33.62
CA GLN A 174 3.28 7.11 -33.63
CA GLN A 174 3.25 7.12 -33.63
C GLN A 174 2.83 7.69 -32.27
N TYR A 175 1.57 8.07 -32.11
CA TYR A 175 1.15 8.73 -30.81
C TYR A 175 -0.36 8.66 -30.65
N ASP A 176 -0.85 8.95 -29.45
CA ASP A 176 -2.32 9.15 -29.19
C ASP A 176 -2.41 10.37 -28.33
N VAL A 177 -3.40 11.26 -28.56
CA VAL A 177 -3.49 12.48 -27.75
C VAL A 177 -4.84 12.53 -27.11
N PHE A 178 -4.89 12.75 -25.78
CA PHE A 178 -6.16 12.94 -25.09
C PHE A 178 -6.21 14.39 -24.58
N VAL A 179 -7.41 14.93 -24.45
CA VAL A 179 -7.58 16.18 -23.79
C VAL A 179 -8.59 16.08 -22.68
N ARG A 180 -8.55 16.98 -21.72
CA ARG A 180 -9.48 16.99 -20.64
CA ARG A 180 -9.52 16.85 -20.67
C ARG A 180 -10.93 17.18 -21.18
N ASN A 181 -11.89 16.46 -20.59
CA ASN A 181 -13.35 16.68 -20.87
C ASN A 181 -13.81 17.95 -20.09
N GLU A 182 -14.09 19.01 -20.85
CA GLU A 182 -14.46 20.29 -20.20
C GLU A 182 -15.89 20.27 -19.67
N ASN A 183 -16.63 19.21 -20.00
CA ASN A 183 -17.97 19.10 -19.54
C ASN A 183 -18.13 17.89 -18.74
N TYR A 184 -17.04 17.50 -18.05
CA TYR A 184 -17.10 16.35 -17.14
C TYR A 184 -18.02 16.60 -15.94
N TRP A 185 -18.83 15.61 -15.52
CA TRP A 185 -19.66 15.78 -14.36
C TRP A 185 -18.92 15.92 -13.04
N GLY A 186 -17.67 15.41 -12.96
CA GLY A 186 -16.99 15.40 -11.66
C GLY A 186 -15.91 16.41 -11.60
N GLU A 187 -14.85 16.02 -10.89
CA GLU A 187 -13.73 16.97 -10.70
C GLU A 187 -12.93 17.19 -11.94
N LYS A 188 -12.51 18.44 -12.16
CA LYS A 188 -11.80 18.86 -13.31
C LYS A 188 -10.31 18.49 -13.15
N PRO A 189 -9.76 17.73 -14.11
CA PRO A 189 -8.31 17.43 -13.94
C PRO A 189 -7.49 18.72 -14.03
N ALA A 190 -6.28 18.80 -13.38
CA ALA A 190 -5.38 19.95 -13.60
C ALA A 190 -4.71 19.94 -14.93
N ILE A 191 -4.38 18.74 -15.45
CA ILE A 191 -3.78 18.58 -16.77
CA ILE A 191 -3.76 18.63 -16.78
C ILE A 191 -4.80 18.70 -17.88
N LYS A 192 -4.47 19.39 -18.97
CA LYS A 192 -5.46 19.57 -20.03
CA LYS A 192 -5.43 19.64 -20.07
C LYS A 192 -5.20 18.69 -21.25
N LYS A 193 -3.95 18.23 -21.44
CA LYS A 193 -3.69 17.47 -22.63
C LYS A 193 -2.57 16.48 -22.28
N ILE A 194 -2.74 15.24 -22.75
CA ILE A 194 -1.72 14.19 -22.52
C ILE A 194 -1.43 13.55 -23.84
N THR A 195 -0.16 13.60 -24.24
CA THR A 195 0.23 12.92 -25.43
C THR A 195 1.01 11.61 -25.12
N PHE A 196 0.63 10.50 -25.75
CA PHE A 196 1.32 9.23 -25.58
C PHE A 196 2.14 8.97 -26.82
N ASN A 197 3.48 8.95 -26.66
CA ASN A 197 4.33 8.55 -27.78
C ASN A 197 4.46 7.05 -27.79
N VAL A 198 4.34 6.42 -28.96
CA VAL A 198 4.38 4.97 -29.05
C VAL A 198 5.87 4.54 -29.09
N ILE A 199 6.37 3.88 -28.03
CA ILE A 199 7.78 3.54 -27.95
C ILE A 199 7.84 2.12 -27.33
N PRO A 200 7.99 1.05 -28.15
CA PRO A 200 7.90 -0.29 -27.70
C PRO A 200 9.10 -0.76 -26.91
N ASP A 201 10.27 -0.16 -27.11
CA ASP A 201 11.49 -0.75 -26.48
C ASP A 201 11.77 0.00 -25.13
N PRO A 202 12.08 -0.76 -24.08
CA PRO A 202 12.31 -0.12 -22.74
C PRO A 202 13.48 0.84 -22.75
N THR A 203 14.58 0.46 -23.42
CA THR A 203 15.75 1.35 -23.49
C THR A 203 15.40 2.62 -24.21
N THR A 204 14.67 2.50 -25.31
CA THR A 204 14.28 3.68 -26.09
C THR A 204 13.36 4.62 -25.26
N ARG A 205 12.51 4.02 -24.39
CA ARG A 205 11.74 4.82 -23.48
C ARG A 205 12.64 5.60 -22.54
N ALA A 206 13.65 4.91 -22.00
CA ALA A 206 14.53 5.63 -21.04
C ALA A 206 15.27 6.75 -21.76
N VAL A 207 15.70 6.46 -22.97
CA VAL A 207 16.41 7.52 -23.79
C VAL A 207 15.49 8.70 -24.08
N ALA A 208 14.22 8.40 -24.38
CA ALA A 208 13.22 9.45 -24.62
C ALA A 208 13.04 10.32 -23.43
N PHE A 209 13.11 9.73 -22.23
CA PHE A 209 12.98 10.55 -21.09
C PHE A 209 14.28 11.39 -20.85
N GLU A 210 15.46 10.80 -21.02
CA GLU A 210 16.70 11.53 -20.75
C GLU A 210 16.85 12.72 -21.66
N THR A 211 16.49 12.52 -22.92
CA THR A 211 16.57 13.58 -23.93
C THR A 211 15.54 14.68 -23.69
N GLY A 212 14.51 14.42 -22.86
CA GLY A 212 13.47 15.40 -22.69
C GLY A 212 12.33 15.23 -23.67
N ASP A 213 12.34 14.24 -24.51
CA ASP A 213 11.25 14.04 -25.49
C ASP A 213 9.94 13.74 -24.73
N ILE A 214 10.03 13.11 -23.54
CA ILE A 214 8.79 12.77 -22.73
C ILE A 214 9.02 13.23 -21.32
N ASP A 215 7.93 13.37 -20.56
CA ASP A 215 7.91 14.05 -19.27
C ASP A 215 7.63 13.02 -18.20
N LEU A 216 7.16 11.85 -18.60
CA LEU A 216 6.57 10.92 -17.56
C LEU A 216 6.63 9.47 -18.12
N LEU A 217 7.14 8.55 -17.33
CA LEU A 217 6.97 7.14 -17.60
C LEU A 217 6.32 6.50 -16.42
N TYR A 218 5.36 5.60 -16.66
CA TYR A 218 4.58 5.05 -15.52
C TYR A 218 4.23 3.61 -15.93
N GLY A 219 4.55 2.61 -15.12
CA GLY A 219 4.27 1.23 -15.59
C GLY A 219 4.85 0.24 -14.56
N ASN A 220 4.88 -1.03 -14.93
CA ASN A 220 5.35 -2.06 -13.99
C ASN A 220 6.84 -2.30 -14.15
N GLU A 221 7.30 -3.49 -13.74
CA GLU A 221 8.75 -3.69 -13.78
C GLU A 221 9.39 -3.71 -15.16
N GLY A 222 8.60 -3.79 -16.21
CA GLY A 222 9.02 -3.71 -17.60
C GLY A 222 9.13 -2.29 -18.13
N LEU A 223 8.87 -1.30 -17.27
CA LEU A 223 8.77 0.10 -17.81
C LEU A 223 10.03 0.58 -18.49
N LEU A 224 11.19 0.34 -17.85
CA LEU A 224 12.49 0.77 -18.47
C LEU A 224 13.50 -0.13 -17.81
N PRO A 225 14.74 -0.21 -18.33
CA PRO A 225 15.72 -1.06 -17.71
C PRO A 225 15.98 -0.64 -16.26
N LEU A 226 16.07 -1.65 -15.38
CA LEU A 226 16.09 -1.37 -14.00
C LEU A 226 17.38 -0.81 -13.49
N ASP A 227 18.49 -1.11 -14.14
CA ASP A 227 19.70 -0.41 -13.72
C ASP A 227 19.64 1.10 -14.01
N THR A 228 19.05 1.40 -15.18
CA THR A 228 18.71 2.78 -15.55
C THR A 228 17.81 3.43 -14.58
N PHE A 229 16.75 2.72 -14.20
CA PHE A 229 15.90 3.30 -13.17
C PHE A 229 16.64 3.63 -11.86
N ALA A 230 17.49 2.71 -11.43
CA ALA A 230 18.30 2.99 -10.19
C ALA A 230 19.22 4.18 -10.35
N ARG A 231 19.85 4.33 -11.54
N ARG A 231 19.85 4.31 -11.54
CA ARG A 231 20.66 5.51 -11.77
CA ARG A 231 20.64 5.50 -11.80
C ARG A 231 19.80 6.81 -11.77
C ARG A 231 19.78 6.78 -11.75
N PHE A 232 18.63 6.76 -12.44
CA PHE A 232 17.77 7.90 -12.47
C PHE A 232 17.31 8.31 -11.04
N SER A 233 17.15 7.34 -10.13
CA SER A 233 16.66 7.67 -8.81
CA SER A 233 16.69 7.60 -8.78
C SER A 233 17.71 8.43 -7.98
N GLN A 234 18.99 8.42 -8.46
CA GLN A 234 20.06 9.20 -7.81
C GLN A 234 20.34 10.49 -8.50
N ASN A 235 19.69 10.72 -9.64
CA ASN A 235 20.00 11.91 -10.48
C ASN A 235 19.14 13.00 -10.04
N PRO A 236 19.73 14.07 -9.51
CA PRO A 236 18.81 15.05 -8.90
C PRO A 236 17.97 15.89 -9.94
N ALA A 237 18.29 15.79 -11.22
CA ALA A 237 17.48 16.40 -12.25
C ALA A 237 16.16 15.66 -12.54
N TYR A 238 16.03 14.40 -12.05
CA TYR A 238 14.86 13.61 -12.35
C TYR A 238 14.08 13.36 -11.07
N HIS A 239 12.88 12.77 -11.20
CA HIS A 239 12.13 12.27 -10.08
C HIS A 239 11.77 10.85 -10.37
N THR A 240 11.89 10.00 -9.30
CA THR A 240 11.42 8.60 -9.53
C THR A 240 10.62 8.16 -8.32
N GLN A 241 9.82 7.12 -8.53
CA GLN A 241 9.06 6.44 -7.45
C GLN A 241 8.95 4.98 -7.69
N LEU A 242 8.78 4.23 -6.60
CA LEU A 242 8.53 2.77 -6.72
C LEU A 242 7.44 2.55 -5.68
N SER A 243 6.30 2.02 -6.08
CA SER A 243 5.13 1.83 -5.19
C SER A 243 5.41 0.64 -4.29
N GLN A 244 4.49 0.44 -3.34
CA GLN A 244 4.49 -0.86 -2.67
CA GLN A 244 4.28 -0.83 -2.64
C GLN A 244 3.91 -1.92 -3.66
N PRO A 245 4.19 -3.19 -3.38
CA PRO A 245 3.90 -4.19 -4.44
C PRO A 245 2.42 -4.31 -4.80
N ILE A 246 2.19 -4.63 -6.08
CA ILE A 246 0.83 -4.71 -6.60
C ILE A 246 0.42 -6.09 -7.03
N GLU A 247 1.35 -7.02 -7.32
CA GLU A 247 0.87 -8.37 -7.82
C GLU A 247 2.05 -9.30 -7.78
N THR A 248 1.83 -10.59 -8.04
CA THR A 248 2.96 -11.55 -7.97
C THR A 248 3.35 -11.95 -9.40
N VAL A 249 4.65 -12.12 -9.61
CA VAL A 249 5.26 -12.80 -10.76
C VAL A 249 5.72 -14.21 -10.29
N MET A 250 5.35 -15.21 -11.07
CA MET A 250 5.60 -16.61 -10.63
C MET A 250 5.75 -17.49 -11.85
N LEU A 251 6.38 -18.63 -11.67
CA LEU A 251 6.22 -19.66 -12.71
C LEU A 251 4.97 -20.46 -12.49
N ALA A 252 4.27 -20.88 -13.55
CA ALA A 252 3.27 -21.96 -13.39
C ALA A 252 3.89 -23.25 -13.82
N LEU A 253 3.78 -24.28 -13.00
CA LEU A 253 4.35 -25.59 -13.31
C LEU A 253 3.24 -26.53 -13.78
N ASN A 254 3.53 -27.30 -14.86
CA ASN A 254 2.46 -28.14 -15.48
C ASN A 254 2.34 -29.48 -14.73
N THR A 255 1.34 -29.57 -13.88
CA THR A 255 1.11 -30.83 -13.15
C THR A 255 0.63 -31.99 -14.02
N ALA A 256 0.27 -31.67 -15.24
CA ALA A 256 -0.17 -32.70 -16.19
C ALA A 256 0.90 -33.09 -17.19
N LYS A 257 2.15 -32.70 -17.00
CA LYS A 257 3.19 -33.04 -18.02
C LYS A 257 4.44 -33.53 -17.30
N ALA A 258 5.03 -34.63 -17.81
CA ALA A 258 6.26 -35.11 -17.18
C ALA A 258 7.33 -34.06 -17.39
N PRO A 259 8.23 -33.86 -16.45
CA PRO A 259 8.37 -34.48 -15.14
C PRO A 259 7.78 -33.57 -14.02
N THR A 260 7.22 -32.40 -14.44
CA THR A 260 6.46 -31.53 -13.49
C THR A 260 5.16 -32.15 -12.98
N ASN A 261 4.75 -33.33 -13.48
CA ASN A 261 3.54 -33.93 -12.98
C ASN A 261 3.87 -34.53 -11.59
N GLU A 262 5.16 -34.69 -11.25
CA GLU A 262 5.53 -35.23 -9.96
C GLU A 262 5.61 -34.16 -8.86
N LEU A 263 4.84 -34.37 -7.80
CA LEU A 263 4.90 -33.45 -6.61
C LEU A 263 6.30 -33.27 -6.14
N ALA A 264 7.09 -34.35 -6.05
CA ALA A 264 8.40 -34.18 -5.47
C ALA A 264 9.26 -33.36 -6.38
N VAL A 265 9.05 -33.41 -7.70
CA VAL A 265 9.84 -32.60 -8.64
C VAL A 265 9.40 -31.12 -8.41
N ARG A 266 8.10 -30.89 -8.33
CA ARG A 266 7.66 -29.45 -8.12
C ARG A 266 8.13 -28.88 -6.77
N GLU A 267 8.15 -29.71 -5.71
CA GLU A 267 8.63 -29.24 -4.44
C GLU A 267 10.11 -28.93 -4.48
N ALA A 268 10.89 -29.80 -5.18
CA ALA A 268 12.29 -29.54 -5.34
C ALA A 268 12.56 -28.28 -6.07
N LEU A 269 11.81 -28.04 -7.14
CA LEU A 269 12.04 -26.84 -7.91
C LEU A 269 11.78 -25.60 -7.06
N ASN A 270 10.82 -25.68 -6.16
CA ASN A 270 10.44 -24.62 -5.24
C ASN A 270 11.51 -24.35 -4.16
N TYR A 271 12.53 -25.25 -4.03
CA TYR A 271 13.64 -24.87 -3.18
C TYR A 271 14.89 -24.54 -3.97
N ALA A 272 14.84 -24.62 -5.34
CA ALA A 272 16.09 -24.53 -6.12
C ALA A 272 16.47 -23.08 -6.44
N VAL A 273 15.52 -22.16 -6.44
CA VAL A 273 15.87 -20.81 -6.92
C VAL A 273 16.22 -19.89 -5.80
N ASN A 274 17.34 -19.17 -5.94
CA ASN A 274 17.63 -18.20 -4.92
C ASN A 274 16.96 -16.92 -5.36
N LYS A 275 15.79 -16.65 -4.80
CA LYS A 275 15.00 -15.56 -5.36
C LYS A 275 15.61 -14.20 -5.00
N LYS A 276 16.19 -14.08 -3.82
CA LYS A 276 16.75 -12.78 -3.42
C LYS A 276 17.89 -12.46 -4.38
N SER A 277 18.68 -13.45 -4.72
CA SER A 277 19.74 -13.24 -5.73
C SER A 277 19.26 -12.98 -7.09
N LEU A 278 18.16 -13.61 -7.41
CA LEU A 278 17.55 -13.35 -8.70
C LEU A 278 17.15 -11.91 -8.79
N ILE A 279 16.47 -11.39 -7.73
CA ILE A 279 15.99 -10.02 -7.76
C ILE A 279 17.18 -9.04 -7.72
N ASP A 280 18.19 -9.38 -6.96
CA ASP A 280 19.33 -8.45 -6.92
C ASP A 280 20.14 -8.53 -8.27
N ASN A 281 20.15 -9.65 -8.94
CA ASN A 281 21.00 -9.87 -10.15
C ASN A 281 20.25 -9.33 -11.39
N ALA A 282 18.99 -9.75 -11.55
CA ALA A 282 18.19 -9.38 -12.77
C ALA A 282 17.28 -8.18 -12.57
N LEU A 283 16.85 -7.86 -11.35
CA LEU A 283 15.85 -6.83 -11.11
CA LEU A 283 15.84 -6.83 -11.15
C LEU A 283 16.43 -5.68 -10.35
N TYR A 284 17.77 -5.70 -10.21
CA TYR A 284 18.48 -4.61 -9.61
C TYR A 284 18.05 -4.29 -8.22
N GLY A 285 17.63 -5.32 -7.48
CA GLY A 285 17.10 -5.07 -6.19
C GLY A 285 15.85 -4.34 -5.96
N THR A 286 15.04 -4.12 -6.99
CA THR A 286 13.94 -3.21 -6.93
C THR A 286 12.64 -3.90 -6.56
N GLN A 287 12.62 -5.26 -6.44
CA GLN A 287 11.32 -5.90 -6.21
CA GLN A 287 11.37 -6.04 -6.25
C GLN A 287 11.48 -6.78 -4.94
N GLN A 288 10.41 -7.38 -4.49
CA GLN A 288 10.41 -8.16 -3.21
CA GLN A 288 10.40 -8.14 -3.23
C GLN A 288 10.31 -9.62 -3.50
N VAL A 289 10.97 -10.45 -2.67
CA VAL A 289 10.85 -11.90 -2.79
C VAL A 289 9.41 -12.40 -2.54
N ALA A 290 8.92 -13.32 -3.40
CA ALA A 290 7.60 -13.97 -3.15
C ALA A 290 7.73 -15.41 -2.76
N ASP A 291 7.09 -15.82 -1.66
CA ASP A 291 7.12 -17.25 -1.26
C ASP A 291 5.79 -17.95 -1.49
N THR A 292 4.74 -17.15 -1.75
CA THR A 292 3.36 -17.69 -1.94
C THR A 292 2.70 -17.03 -3.13
N LEU A 293 1.76 -17.75 -3.75
CA LEU A 293 0.95 -17.19 -4.86
C LEU A 293 0.49 -15.78 -4.63
N PHE A 294 -0.14 -15.54 -3.47
CA PHE A 294 -0.52 -14.16 -3.09
C PHE A 294 0.30 -13.71 -1.90
N ALA A 295 0.72 -12.46 -1.93
CA ALA A 295 1.41 -11.91 -0.70
C ALA A 295 0.42 -12.00 0.50
N PRO A 296 0.97 -12.14 1.70
CA PRO A 296 0.13 -12.19 2.91
C PRO A 296 -0.67 -10.97 3.13
N SER A 297 -0.37 -9.85 2.48
CA SER A 297 -1.22 -8.67 2.56
C SER A 297 -2.48 -8.65 1.66
N VAL A 298 -2.65 -9.66 0.81
CA VAL A 298 -3.81 -9.74 -0.11
C VAL A 298 -5.01 -10.22 0.69
N PRO A 299 -6.18 -9.70 0.42
CA PRO A 299 -7.34 -10.16 1.21
C PRO A 299 -7.53 -11.66 1.12
N TYR A 300 -7.86 -12.25 2.28
CA TYR A 300 -8.05 -13.68 2.42
C TYR A 300 -6.84 -14.57 2.39
N ALA A 301 -5.65 -14.00 2.20
CA ALA A 301 -4.49 -14.82 1.94
C ALA A 301 -3.43 -14.75 3.03
N ASN A 302 -3.79 -14.23 4.22
CA ASN A 302 -2.80 -14.31 5.32
C ASN A 302 -3.00 -15.61 6.06
N LEU A 303 -2.40 -16.68 5.55
CA LEU A 303 -2.72 -18.05 5.94
C LEU A 303 -1.63 -18.79 6.65
N GLY A 304 -0.49 -18.10 6.88
CA GLY A 304 0.64 -18.83 7.51
C GLY A 304 1.21 -19.91 6.66
N LEU A 305 1.06 -19.84 5.33
CA LEU A 305 1.63 -20.87 4.45
C LEU A 305 3.15 -20.93 4.65
N LYS A 306 3.71 -22.14 4.60
CA LYS A 306 5.16 -22.28 4.86
C LYS A 306 5.97 -21.98 3.59
N PRO A 307 6.89 -21.01 3.64
CA PRO A 307 7.77 -20.73 2.47
C PRO A 307 8.69 -21.90 2.23
N SER A 308 9.07 -22.15 0.97
CA SER A 308 10.19 -23.01 0.64
C SER A 308 11.39 -22.12 0.36
N GLN A 309 12.28 -21.96 1.36
CA GLN A 309 13.45 -21.05 1.31
CA GLN A 309 13.44 -21.05 1.29
C GLN A 309 14.49 -21.68 0.37
N TYR A 310 15.33 -20.92 -0.27
CA TYR A 310 16.35 -21.47 -1.15
C TYR A 310 17.17 -22.47 -0.37
N ASP A 311 17.17 -23.71 -0.84
CA ASP A 311 17.89 -24.77 -0.09
C ASP A 311 18.23 -25.89 -1.10
N PRO A 312 19.32 -25.73 -1.83
CA PRO A 312 19.63 -26.70 -2.90
C PRO A 312 19.89 -28.12 -2.33
N GLN A 313 20.38 -28.13 -1.13
CA GLN A 313 20.54 -29.48 -0.46
C GLN A 313 19.25 -30.22 -0.28
N LYS A 314 18.22 -29.51 0.19
CA LYS A 314 16.90 -30.10 0.29
C LYS A 314 16.35 -30.44 -1.08
N ALA A 315 16.53 -29.54 -2.09
CA ALA A 315 16.00 -29.89 -3.44
C ALA A 315 16.58 -31.24 -3.94
N LYS A 316 17.88 -31.34 -3.79
CA LYS A 316 18.59 -32.56 -4.26
C LYS A 316 18.06 -33.79 -3.48
N ALA A 317 17.91 -33.61 -2.18
CA ALA A 317 17.34 -34.76 -1.38
C ALA A 317 16.00 -35.19 -1.80
N LEU A 318 15.10 -34.24 -2.08
CA LEU A 318 13.79 -34.59 -2.52
C LEU A 318 13.88 -35.34 -3.85
N LEU A 319 14.71 -34.83 -4.80
CA LEU A 319 14.83 -35.49 -6.10
C LEU A 319 15.38 -36.94 -5.91
N GLU A 320 16.41 -37.06 -5.09
CA GLU A 320 17.05 -38.39 -4.87
C GLU A 320 16.04 -39.38 -4.31
N LYS A 321 15.30 -38.92 -3.30
CA LYS A 321 14.25 -39.77 -2.71
C LYS A 321 13.18 -40.23 -3.68
N ALA A 322 12.84 -39.37 -4.65
CA ALA A 322 11.87 -39.71 -5.67
C ALA A 322 12.43 -40.54 -6.83
N GLY A 323 13.70 -40.92 -6.72
CA GLY A 323 14.33 -41.72 -7.80
C GLY A 323 15.02 -41.01 -8.93
N TRP A 324 15.22 -39.67 -8.79
CA TRP A 324 15.89 -38.93 -9.80
C TRP A 324 17.30 -38.80 -9.36
N THR A 325 18.14 -39.73 -9.82
CA THR A 325 19.56 -39.68 -9.37
C THR A 325 20.50 -39.42 -10.56
N LEU A 326 21.70 -39.11 -10.23
CA LEU A 326 22.70 -38.67 -11.23
C LEU A 326 23.41 -39.90 -11.80
N PRO A 327 23.28 -40.15 -13.12
CA PRO A 327 24.12 -41.16 -13.81
C PRO A 327 25.60 -40.87 -13.68
N ALA A 328 26.43 -41.94 -13.72
CA ALA A 328 27.83 -41.71 -13.63
C ALA A 328 28.32 -40.70 -14.68
N GLY A 329 29.12 -39.74 -14.24
CA GLY A 329 29.65 -38.72 -15.15
C GLY A 329 28.66 -37.69 -15.72
N LYS A 330 27.43 -37.66 -15.21
CA LYS A 330 26.44 -36.70 -15.75
C LYS A 330 25.97 -35.77 -14.65
N ASP A 331 25.69 -34.52 -15.03
CA ASP A 331 25.07 -33.53 -14.12
C ASP A 331 23.50 -33.45 -14.14
N ILE A 332 22.84 -34.13 -15.05
CA ILE A 332 21.42 -34.11 -15.20
C ILE A 332 20.86 -35.43 -14.72
N ARG A 333 20.00 -35.32 -13.74
CA ARG A 333 19.34 -36.53 -13.22
C ARG A 333 18.52 -37.31 -14.20
N GLU A 334 18.40 -38.60 -13.88
CA GLU A 334 17.55 -39.49 -14.65
C GLU A 334 16.74 -40.41 -13.73
N LYS A 335 15.55 -40.79 -14.18
CA LYS A 335 14.61 -41.72 -13.51
C LYS A 335 13.89 -42.56 -14.59
N ASN A 336 13.84 -43.88 -14.39
CA ASN A 336 13.24 -44.83 -15.42
C ASN A 336 13.82 -44.59 -16.81
N GLY A 337 15.11 -44.38 -16.92
CA GLY A 337 15.69 -44.00 -18.20
C GLY A 337 15.44 -42.57 -18.73
N GLN A 338 14.55 -41.76 -18.12
CA GLN A 338 14.20 -40.38 -18.64
C GLN A 338 15.06 -39.29 -17.96
N PRO A 339 15.63 -38.35 -18.73
CA PRO A 339 16.44 -37.25 -18.11
C PRO A 339 15.47 -36.25 -17.46
N LEU A 340 15.89 -35.57 -16.40
CA LEU A 340 15.02 -34.58 -15.73
C LEU A 340 15.15 -33.32 -16.56
N ARG A 341 14.30 -33.26 -17.58
N ARG A 341 14.34 -33.24 -17.59
CA ARG A 341 14.27 -32.15 -18.56
CA ARG A 341 14.40 -32.07 -18.48
C ARG A 341 12.94 -31.38 -18.50
C ARG A 341 13.00 -31.39 -18.46
N ILE A 342 13.03 -30.05 -18.45
CA ILE A 342 11.82 -29.21 -18.26
C ILE A 342 11.98 -28.05 -19.24
N GLU A 343 10.91 -27.77 -19.97
CA GLU A 343 10.93 -26.61 -20.87
C GLU A 343 10.31 -25.40 -20.14
N LEU A 344 11.01 -24.27 -20.23
CA LEU A 344 10.56 -23.01 -19.59
C LEU A 344 10.29 -22.05 -20.77
N SER A 345 9.00 -21.70 -20.91
CA SER A 345 8.45 -20.83 -21.93
C SER A 345 8.30 -19.39 -21.49
N PHE A 346 8.69 -18.46 -22.36
CA PHE A 346 8.50 -17.05 -22.04
C PHE A 346 8.60 -16.26 -23.35
N ILE A 347 8.24 -14.97 -23.26
CA ILE A 347 8.27 -14.12 -24.47
C ILE A 347 9.73 -13.74 -24.78
N GLY A 348 10.24 -14.24 -25.89
CA GLY A 348 11.64 -14.22 -26.24
C GLY A 348 12.25 -12.85 -26.52
N THR A 349 11.37 -11.90 -26.80
CA THR A 349 11.79 -10.55 -27.21
C THR A 349 12.08 -9.78 -25.90
N ASP A 350 11.67 -10.35 -24.78
CA ASP A 350 11.57 -9.55 -23.56
C ASP A 350 12.82 -9.80 -22.71
N ALA A 351 13.76 -8.86 -22.70
CA ALA A 351 15.10 -9.12 -22.18
C ALA A 351 15.07 -9.48 -20.67
N LEU A 352 14.12 -8.87 -19.98
CA LEU A 352 14.06 -9.05 -18.50
C LEU A 352 13.56 -10.49 -18.25
N SER A 353 12.50 -10.89 -18.95
CA SER A 353 12.10 -12.30 -18.89
CA SER A 353 12.07 -12.30 -18.93
C SER A 353 13.20 -13.27 -19.25
N LYS A 354 13.99 -12.98 -20.28
CA LYS A 354 15.06 -13.87 -20.70
C LYS A 354 16.12 -13.95 -19.60
N SER A 355 16.42 -12.78 -19.00
CA SER A 355 17.38 -12.71 -17.92
CA SER A 355 17.40 -12.72 -17.92
CA SER A 355 17.41 -12.75 -17.93
C SER A 355 16.96 -13.55 -16.72
N MET A 356 15.69 -13.42 -16.34
CA MET A 356 15.22 -14.25 -15.24
CA MET A 356 15.24 -14.27 -15.22
C MET A 356 15.28 -15.72 -15.63
N ALA A 357 14.84 -16.04 -16.87
CA ALA A 357 14.81 -17.44 -17.25
C ALA A 357 16.24 -18.05 -17.20
N GLU A 358 17.23 -17.25 -17.57
CA GLU A 358 18.62 -17.78 -17.56
CA GLU A 358 18.63 -17.77 -17.55
C GLU A 358 19.06 -18.05 -16.12
N ILE A 359 18.66 -17.15 -15.23
CA ILE A 359 18.99 -17.45 -13.81
C ILE A 359 18.33 -18.67 -13.31
N ILE A 360 17.05 -18.83 -13.60
CA ILE A 360 16.30 -19.99 -13.11
C ILE A 360 16.90 -21.27 -13.73
N GLN A 361 17.22 -21.20 -15.03
CA GLN A 361 17.89 -22.35 -15.66
C GLN A 361 19.22 -22.70 -14.96
N ALA A 362 20.01 -21.72 -14.56
CA ALA A 362 21.32 -21.96 -13.93
C ALA A 362 21.06 -22.54 -12.53
N ASP A 363 20.14 -21.96 -11.77
CA ASP A 363 19.91 -22.45 -10.45
C ASP A 363 19.38 -23.87 -10.50
N MET A 364 18.51 -24.19 -11.45
CA MET A 364 17.94 -25.54 -11.49
C MET A 364 19.03 -26.59 -12.02
N ARG A 365 19.95 -26.14 -12.88
CA ARG A 365 21.08 -27.03 -13.26
C ARG A 365 21.90 -27.43 -12.01
N GLN A 366 22.04 -26.55 -11.02
CA GLN A 366 22.82 -26.82 -9.80
C GLN A 366 22.16 -27.94 -8.99
N ILE A 367 20.89 -28.26 -9.18
CA ILE A 367 20.30 -29.36 -8.45
C ILE A 367 20.01 -30.55 -9.42
N GLY A 368 20.50 -30.45 -10.66
CA GLY A 368 20.42 -31.56 -11.60
C GLY A 368 19.21 -31.67 -12.49
N ALA A 369 18.53 -30.51 -12.69
CA ALA A 369 17.39 -30.40 -13.61
C ALA A 369 17.88 -29.59 -14.80
N ASP A 370 17.59 -30.14 -15.99
CA ASP A 370 17.93 -29.50 -17.26
C ASP A 370 16.73 -28.77 -17.79
N VAL A 371 16.76 -27.45 -17.56
CA VAL A 371 15.73 -26.55 -18.10
C VAL A 371 16.16 -26.07 -19.49
N SER A 372 15.30 -26.28 -20.43
CA SER A 372 15.49 -25.81 -21.79
CA SER A 372 15.50 -25.78 -21.79
C SER A 372 14.70 -24.51 -21.95
N LEU A 373 15.34 -23.45 -22.41
CA LEU A 373 14.66 -22.14 -22.60
C LEU A 373 13.96 -22.10 -23.96
N ILE A 374 12.64 -21.82 -23.98
CA ILE A 374 11.85 -21.76 -25.21
C ILE A 374 11.30 -20.31 -25.21
N GLY A 375 12.03 -19.40 -25.85
CA GLY A 375 11.59 -17.98 -25.92
C GLY A 375 10.97 -17.81 -27.32
N GLU A 376 9.71 -17.40 -27.32
CA GLU A 376 8.95 -17.32 -28.55
C GLU A 376 8.23 -16.02 -28.63
N GLU A 377 7.69 -15.68 -29.84
CA GLU A 377 6.83 -14.49 -29.84
C GLU A 377 5.58 -14.64 -28.98
N GLU A 378 4.99 -13.50 -28.64
CA GLU A 378 3.91 -13.48 -27.66
C GLU A 378 2.69 -14.31 -28.08
N SER A 379 2.30 -14.29 -29.34
CA SER A 379 1.21 -15.12 -29.69
C SER A 379 1.46 -16.62 -29.40
N SER A 380 2.68 -17.11 -29.60
CA SER A 380 2.93 -18.53 -29.46
CA SER A 380 3.00 -18.51 -29.47
C SER A 380 2.90 -18.84 -27.96
N ILE A 381 3.34 -17.85 -27.15
CA ILE A 381 3.36 -18.10 -25.67
C ILE A 381 1.91 -18.11 -25.22
N TYR A 382 1.09 -17.20 -25.73
CA TYR A 382 -0.31 -17.21 -25.27
C TYR A 382 -1.00 -18.50 -25.72
N ALA A 383 -0.67 -19.01 -26.89
CA ALA A 383 -1.26 -20.27 -27.29
C ALA A 383 -0.87 -21.38 -26.37
N ARG A 384 0.42 -21.42 -25.97
CA ARG A 384 0.87 -22.42 -25.07
C ARG A 384 0.13 -22.30 -23.69
N GLN A 385 -0.12 -21.09 -23.22
CA GLN A 385 -0.80 -20.91 -21.92
C GLN A 385 -2.19 -21.60 -22.03
N ARG A 386 -2.79 -21.42 -23.19
CA ARG A 386 -4.17 -21.82 -23.37
C ARG A 386 -4.28 -23.28 -23.49
N ASP A 387 -3.33 -23.92 -24.14
CA ASP A 387 -3.52 -25.32 -24.43
C ASP A 387 -2.71 -26.24 -23.58
N GLY A 388 -1.95 -25.70 -22.59
CA GLY A 388 -1.13 -26.59 -21.74
C GLY A 388 0.20 -27.12 -22.35
N ARG A 389 0.66 -26.53 -23.49
CA ARG A 389 1.96 -26.93 -24.04
C ARG A 389 3.17 -26.19 -23.37
N PHE A 390 3.35 -26.45 -22.09
CA PHE A 390 4.45 -25.88 -21.36
C PHE A 390 4.84 -26.82 -20.26
N GLY A 391 6.10 -26.73 -19.80
CA GLY A 391 6.55 -27.44 -18.61
C GLY A 391 6.45 -26.42 -17.42
N MET A 392 7.13 -25.30 -17.62
CA MET A 392 7.05 -24.10 -16.75
C MET A 392 6.83 -22.91 -17.62
N ILE A 393 6.00 -21.93 -17.18
CA ILE A 393 5.79 -20.77 -18.01
C ILE A 393 5.78 -19.59 -17.11
N PHE A 394 6.30 -18.43 -17.53
CA PHE A 394 6.18 -17.27 -16.67
C PHE A 394 4.72 -16.82 -16.63
N HIS A 395 4.32 -16.34 -15.45
CA HIS A 395 2.91 -15.95 -15.28
C HIS A 395 2.86 -14.83 -14.24
N ARG A 396 1.67 -14.25 -14.00
CA ARG A 396 1.57 -13.18 -12.98
C ARG A 396 0.14 -13.14 -12.56
N THR A 397 -0.07 -12.63 -11.35
CA THR A 397 -1.43 -12.32 -10.93
C THR A 397 -1.84 -11.01 -11.48
N TRP A 398 -3.00 -10.57 -11.04
CA TRP A 398 -3.66 -9.44 -11.75
C TRP A 398 -3.78 -8.16 -11.02
N GLY A 399 -3.43 -8.18 -9.72
CA GLY A 399 -3.47 -6.95 -8.90
C GLY A 399 -4.86 -6.63 -8.43
N ALA A 400 -4.99 -5.63 -7.57
CA ALA A 400 -6.36 -5.26 -7.13
C ALA A 400 -7.14 -4.68 -8.29
N PRO A 401 -8.49 -4.92 -8.31
CA PRO A 401 -9.30 -5.64 -7.35
C PRO A 401 -9.50 -7.08 -7.78
N TYR A 402 -8.66 -7.54 -8.70
CA TYR A 402 -8.83 -8.92 -9.17
C TYR A 402 -8.31 -9.98 -8.24
N ASP A 403 -7.29 -9.61 -7.44
CA ASP A 403 -6.61 -10.65 -6.60
C ASP A 403 -7.29 -10.60 -5.20
N PRO A 404 -7.71 -11.73 -4.66
CA PRO A 404 -7.56 -13.05 -5.24
C PRO A 404 -8.81 -13.57 -6.07
N HIS A 405 -9.97 -12.99 -5.85
CA HIS A 405 -11.20 -13.64 -6.26
C HIS A 405 -11.23 -13.87 -7.75
N ALA A 406 -10.92 -12.85 -8.54
CA ALA A 406 -11.10 -13.04 -9.98
C ALA A 406 -10.00 -13.88 -10.60
N PHE A 407 -8.79 -13.75 -10.06
CA PHE A 407 -7.74 -14.65 -10.48
C PHE A 407 -8.13 -16.10 -10.15
N LEU A 408 -8.71 -16.35 -8.96
CA LEU A 408 -9.11 -17.71 -8.63
C LEU A 408 -10.30 -18.16 -9.49
N SER A 409 -11.24 -17.26 -9.70
CA SER A 409 -12.40 -17.59 -10.57
C SER A 409 -11.92 -18.12 -11.92
N SER A 410 -10.91 -17.44 -12.50
CA SER A 410 -10.43 -17.80 -13.83
C SER A 410 -9.70 -19.11 -13.89
N MET A 411 -9.33 -19.67 -12.76
CA MET A 411 -8.62 -20.93 -12.75
C MET A 411 -9.52 -22.07 -13.28
N ARG A 412 -10.84 -21.81 -13.28
CA ARG A 412 -11.82 -22.79 -13.78
C ARG A 412 -11.96 -22.74 -15.30
N VAL A 413 -11.39 -21.73 -15.94
CA VAL A 413 -11.66 -21.54 -17.38
C VAL A 413 -10.62 -22.35 -18.11
N PRO A 414 -10.99 -23.30 -18.98
CA PRO A 414 -9.97 -24.20 -19.54
C PRO A 414 -8.94 -23.59 -20.43
N SER A 415 -9.23 -22.45 -20.99
CA SER A 415 -8.26 -21.80 -21.89
C SER A 415 -7.38 -20.78 -21.20
N HIS A 416 -7.09 -20.97 -19.89
CA HIS A 416 -6.18 -20.11 -19.16
C HIS A 416 -5.01 -21.01 -18.67
N ALA A 417 -3.84 -20.39 -18.48
CA ALA A 417 -2.67 -21.11 -18.02
C ALA A 417 -2.93 -21.82 -16.70
N ASP A 418 -3.70 -21.19 -15.78
CA ASP A 418 -3.78 -21.80 -14.43
C ASP A 418 -4.61 -23.09 -14.46
N PHE A 419 -5.73 -23.11 -15.22
CA PHE A 419 -6.43 -24.39 -15.39
C PHE A 419 -5.52 -25.45 -15.98
N GLN A 420 -4.79 -25.11 -17.04
CA GLN A 420 -3.89 -26.06 -17.67
C GLN A 420 -2.81 -26.56 -16.73
N ALA A 421 -2.20 -25.64 -15.94
CA ALA A 421 -1.17 -26.05 -15.00
C ALA A 421 -1.67 -26.95 -13.94
N GLN A 422 -2.96 -26.79 -13.57
CA GLN A 422 -3.54 -27.55 -12.46
C GLN A 422 -4.20 -28.85 -12.92
N GLN A 423 -4.14 -29.14 -14.20
CA GLN A 423 -5.08 -30.17 -14.70
CA GLN A 423 -4.98 -30.22 -14.77
C GLN A 423 -4.66 -31.58 -14.24
N GLY A 424 -3.39 -31.79 -13.89
CA GLY A 424 -2.93 -33.07 -13.37
C GLY A 424 -3.20 -33.33 -11.90
N LEU A 425 -3.83 -32.38 -11.19
CA LEU A 425 -4.10 -32.59 -9.77
C LEU A 425 -5.35 -33.44 -9.54
N ALA A 426 -5.23 -34.43 -8.66
CA ALA A 426 -6.39 -35.26 -8.38
C ALA A 426 -7.50 -34.43 -7.78
N ASP A 427 -7.12 -33.39 -7.01
CA ASP A 427 -8.11 -32.51 -6.36
CA ASP A 427 -8.16 -32.54 -6.42
C ASP A 427 -8.55 -31.31 -7.24
N LYS A 428 -8.21 -31.28 -8.54
CA LYS A 428 -8.67 -30.17 -9.42
C LYS A 428 -10.19 -29.93 -9.43
N PRO A 429 -10.99 -31.01 -9.57
CA PRO A 429 -12.46 -30.81 -9.49
C PRO A 429 -12.92 -30.21 -8.20
N LEU A 430 -12.37 -30.68 -7.09
CA LEU A 430 -12.76 -30.11 -5.81
C LEU A 430 -12.39 -28.63 -5.69
N ILE A 431 -11.18 -28.30 -6.13
CA ILE A 431 -10.75 -26.89 -6.15
C ILE A 431 -11.71 -26.04 -6.97
N ASP A 432 -12.07 -26.52 -8.15
CA ASP A 432 -12.91 -25.73 -9.00
C ASP A 432 -14.34 -25.61 -8.41
N LYS A 433 -14.85 -26.66 -7.76
CA LYS A 433 -16.14 -26.60 -7.06
C LYS A 433 -16.06 -25.56 -5.95
N GLU A 434 -14.98 -25.61 -5.17
CA GLU A 434 -14.77 -24.66 -4.04
C GLU A 434 -14.63 -23.18 -4.48
N ILE A 435 -14.02 -22.99 -5.65
CA ILE A 435 -13.91 -21.61 -6.19
C ILE A 435 -15.32 -21.16 -6.55
N GLY A 436 -16.13 -22.03 -7.21
CA GLY A 436 -17.52 -21.59 -7.46
C GLY A 436 -18.28 -21.26 -6.15
N GLU A 437 -18.03 -22.07 -5.09
CA GLU A 437 -18.77 -21.84 -3.84
CA GLU A 437 -18.73 -21.88 -3.82
C GLU A 437 -18.32 -20.59 -3.17
N VAL A 438 -17.03 -20.33 -3.18
CA VAL A 438 -16.59 -19.11 -2.44
C VAL A 438 -17.12 -17.82 -3.01
N LEU A 439 -17.31 -17.79 -4.32
CA LEU A 439 -17.79 -16.58 -4.99
C LEU A 439 -19.24 -16.21 -4.60
N ALA A 440 -20.00 -17.20 -4.15
CA ALA A 440 -21.40 -16.85 -3.81
C ALA A 440 -21.67 -17.04 -2.36
N THR A 441 -20.64 -17.12 -1.52
CA THR A 441 -20.94 -17.31 -0.13
CA THR A 441 -20.83 -17.30 -0.10
C THR A 441 -20.95 -15.98 0.64
N HIS A 442 -21.98 -15.85 1.46
CA HIS A 442 -22.08 -14.65 2.31
C HIS A 442 -21.86 -14.92 3.76
N ASP A 443 -21.70 -16.18 4.10
CA ASP A 443 -21.25 -16.57 5.41
C ASP A 443 -19.73 -16.29 5.38
N GLU A 444 -19.31 -15.31 6.16
CA GLU A 444 -17.93 -14.82 6.10
C GLU A 444 -17.00 -15.91 6.61
N THR A 445 -17.43 -16.78 7.51
CA THR A 445 -16.56 -17.83 8.04
C THR A 445 -16.28 -18.87 6.98
N GLN A 446 -17.36 -19.29 6.29
CA GLN A 446 -17.21 -20.24 5.21
C GLN A 446 -16.37 -19.61 4.05
N ARG A 447 -16.53 -18.31 3.79
CA ARG A 447 -15.73 -17.74 2.68
C ARG A 447 -14.24 -17.82 3.00
N GLN A 448 -13.86 -17.46 4.21
CA GLN A 448 -12.46 -17.59 4.62
C GLN A 448 -11.95 -18.99 4.57
N ALA A 449 -12.83 -19.97 4.94
CA ALA A 449 -12.42 -21.34 5.00
C ALA A 449 -12.19 -21.89 3.63
N LEU A 450 -13.02 -21.46 2.71
CA LEU A 450 -12.91 -21.94 1.27
C LEU A 450 -11.64 -21.27 0.70
N TYR A 451 -11.42 -19.96 0.87
CA TYR A 451 -10.13 -19.41 0.35
C TYR A 451 -8.93 -20.07 0.97
N ARG A 452 -8.98 -20.32 2.29
CA ARG A 452 -7.84 -21.01 2.89
C ARG A 452 -7.64 -22.38 2.24
N ASP A 453 -8.75 -23.15 2.02
CA ASP A 453 -8.53 -24.48 1.43
C ASP A 453 -7.94 -24.43 0.00
N ILE A 454 -8.44 -23.54 -0.81
CA ILE A 454 -8.03 -23.46 -2.19
C ILE A 454 -6.53 -23.04 -2.21
N LEU A 455 -6.20 -21.96 -1.48
CA LEU A 455 -4.82 -21.42 -1.54
C LEU A 455 -3.87 -22.38 -0.88
N THR A 456 -4.33 -23.11 0.16
CA THR A 456 -3.46 -24.04 0.80
C THR A 456 -3.23 -25.25 -0.12
N ARG A 457 -4.28 -25.73 -0.79
CA ARG A 457 -4.01 -26.88 -1.72
C ARG A 457 -3.06 -26.45 -2.85
N LEU A 458 -3.24 -25.25 -3.38
CA LEU A 458 -2.37 -24.82 -4.47
C LEU A 458 -0.89 -24.66 -4.00
N HIS A 459 -0.71 -24.22 -2.77
CA HIS A 459 0.61 -24.12 -2.21
C HIS A 459 1.21 -25.48 -1.93
N ASP A 460 0.46 -26.30 -1.19
CA ASP A 460 0.97 -27.63 -0.89
C ASP A 460 1.21 -28.52 -2.05
N GLU A 461 0.46 -28.35 -3.14
CA GLU A 461 0.69 -29.12 -4.38
C GLU A 461 1.80 -28.48 -5.24
N ALA A 462 2.38 -27.35 -4.78
CA ALA A 462 3.51 -26.72 -5.47
C ALA A 462 3.15 -26.49 -6.95
N VAL A 463 1.96 -25.95 -7.20
CA VAL A 463 1.54 -25.71 -8.64
C VAL A 463 2.34 -24.52 -9.16
N TYR A 464 2.66 -23.55 -8.29
CA TYR A 464 3.42 -22.36 -8.73
C TYR A 464 4.85 -22.33 -8.19
N LEU A 465 5.72 -21.50 -8.77
CA LEU A 465 7.03 -21.15 -8.17
C LEU A 465 7.01 -19.66 -8.07
N PRO A 466 6.55 -19.15 -6.89
CA PRO A 466 6.45 -17.72 -6.78
C PRO A 466 7.84 -17.10 -6.77
N ILE A 467 7.98 -16.01 -7.52
CA ILE A 467 9.35 -15.41 -7.67
C ILE A 467 9.33 -14.03 -6.97
N SER A 468 8.42 -13.09 -7.32
CA SER A 468 8.55 -11.74 -6.78
CA SER A 468 8.53 -11.78 -6.69
C SER A 468 7.20 -11.10 -6.61
N TYR A 469 7.09 -10.18 -5.69
CA TYR A 469 5.92 -9.22 -5.64
C TYR A 469 6.48 -7.96 -6.28
N ILE A 470 5.86 -7.57 -7.38
CA ILE A 470 6.38 -6.44 -8.16
C ILE A 470 5.65 -5.16 -7.89
N SER A 471 6.34 -4.02 -8.20
CA SER A 471 5.77 -2.72 -7.98
C SER A 471 5.53 -1.92 -9.22
N MET A 472 4.68 -0.89 -9.10
CA MET A 472 4.56 0.18 -10.13
CA MET A 472 4.62 0.12 -10.15
C MET A 472 5.79 1.07 -10.00
N MET A 473 6.25 1.60 -11.14
N MET A 473 6.23 1.69 -11.09
CA MET A 473 7.42 2.47 -11.14
CA MET A 473 7.33 2.59 -10.90
C MET A 473 7.07 3.74 -11.88
C MET A 473 7.06 3.76 -11.81
N VAL A 474 7.71 4.85 -11.48
CA VAL A 474 7.46 6.14 -12.12
C VAL A 474 8.80 6.86 -12.34
N VAL A 475 8.98 7.44 -13.55
CA VAL A 475 10.09 8.35 -13.75
C VAL A 475 9.45 9.62 -14.33
N SER A 476 9.74 10.78 -13.75
CA SER A 476 9.03 11.98 -14.17
C SER A 476 9.94 13.22 -14.10
N LYS A 477 9.63 14.22 -14.93
CA LYS A 477 10.25 15.55 -14.67
C LYS A 477 9.77 16.08 -13.33
N PRO A 478 10.70 16.68 -12.56
CA PRO A 478 10.33 17.12 -11.22
C PRO A 478 9.16 18.09 -11.15
N GLU A 479 9.00 18.94 -12.18
CA GLU A 479 7.87 19.87 -12.19
CA GLU A 479 7.89 19.89 -12.14
C GLU A 479 6.51 19.27 -12.11
N LEU A 480 6.35 17.99 -12.53
CA LEU A 480 5.07 17.35 -12.34
C LEU A 480 4.65 17.03 -10.91
N GLY A 481 5.64 17.02 -10.01
CA GLY A 481 5.36 16.75 -8.60
C GLY A 481 5.19 15.27 -8.30
N ASN A 482 4.61 14.98 -7.12
CA ASN A 482 4.41 13.58 -6.75
C ASN A 482 3.31 12.96 -7.62
N ILE A 483 3.59 11.76 -8.14
CA ILE A 483 2.65 11.14 -9.05
C ILE A 483 1.87 10.10 -8.24
N PRO A 484 0.54 10.23 -8.19
CA PRO A 484 -0.22 9.19 -7.42
C PRO A 484 -0.36 7.87 -8.11
N TYR A 485 -0.72 6.86 -7.32
CA TYR A 485 -1.10 5.52 -7.85
C TYR A 485 -2.63 5.33 -7.81
N ALA A 486 -3.16 4.58 -8.75
CA ALA A 486 -4.62 4.25 -8.68
C ALA A 486 -4.91 2.97 -7.86
N PRO A 487 -6.09 2.88 -7.24
CA PRO A 487 -6.45 1.71 -6.50
C PRO A 487 -6.45 0.45 -7.42
N ILE A 488 -6.86 0.63 -8.68
CA ILE A 488 -6.88 -0.51 -9.62
C ILE A 488 -5.52 -0.52 -10.34
N ALA A 489 -4.83 -1.66 -10.18
CA ALA A 489 -3.41 -1.79 -10.61
C ALA A 489 -3.18 -1.51 -12.06
N THR A 490 -4.17 -1.73 -12.92
CA THR A 490 -4.07 -1.45 -14.34
C THR A 490 -4.37 0.00 -14.79
N GLU A 491 -4.86 0.81 -13.86
CA GLU A 491 -5.21 2.20 -14.17
C GLU A 491 -4.04 3.14 -13.87
N ILE A 492 -4.05 4.29 -14.54
CA ILE A 492 -3.08 5.38 -14.36
C ILE A 492 -3.89 6.62 -14.02
N PRO A 493 -3.63 7.19 -12.83
CA PRO A 493 -4.57 8.22 -12.37
C PRO A 493 -4.17 9.62 -12.88
N PHE A 494 -4.26 9.82 -14.18
CA PHE A 494 -3.76 11.08 -14.77
C PHE A 494 -4.52 12.28 -14.17
N GLU A 495 -5.80 12.09 -13.85
CA GLU A 495 -6.63 13.20 -13.34
C GLU A 495 -6.21 13.61 -11.96
N GLN A 496 -5.29 12.85 -11.33
CA GLN A 496 -4.86 13.20 -9.95
C GLN A 496 -3.52 13.90 -9.99
N ILE A 497 -2.87 14.02 -11.17
CA ILE A 497 -1.58 14.71 -11.23
C ILE A 497 -1.88 16.22 -11.09
N LYS A 498 -1.09 16.92 -10.28
CA LYS A 498 -1.48 18.30 -9.86
C LYS A 498 -0.17 18.97 -9.64
N PRO A 499 0.44 19.40 -10.74
CA PRO A 499 1.75 20.04 -10.60
C PRO A 499 1.81 21.26 -9.66
N VAL A 500 0.77 22.09 -9.69
CA VAL A 500 0.73 23.30 -8.79
C VAL A 500 0.07 22.97 -7.43
N ASP B 4 -24.54 -7.13 15.69
CA ASP B 4 -24.29 -5.70 15.35
C ASP B 4 -23.76 -4.86 16.53
N GLU B 5 -23.39 -5.53 17.63
CA GLU B 5 -22.49 -4.96 18.62
C GLU B 5 -21.14 -5.66 18.52
N ILE B 6 -20.03 -4.92 18.57
CA ILE B 6 -18.72 -5.63 18.64
C ILE B 6 -17.97 -5.14 19.85
N THR B 7 -17.04 -5.95 20.30
CA THR B 7 -16.18 -5.62 21.42
C THR B 7 -14.71 -5.68 20.95
N THR B 8 -13.91 -4.69 21.32
CA THR B 8 -12.48 -4.71 20.91
C THR B 8 -11.66 -4.34 22.15
N ALA B 9 -10.38 -4.00 21.99
CA ALA B 9 -9.54 -3.60 23.08
C ALA B 9 -8.61 -2.48 22.67
N TRP B 10 -8.16 -1.78 23.70
CA TRP B 10 -7.09 -0.74 23.59
C TRP B 10 -6.26 -0.71 24.85
N PRO B 11 -4.95 -0.34 24.77
CA PRO B 11 -4.14 -0.50 25.97
C PRO B 11 -4.45 0.53 27.09
N VAL B 12 -5.19 1.58 26.72
CA VAL B 12 -5.61 2.61 27.68
C VAL B 12 -7.00 3.09 27.32
N ASN B 13 -7.63 3.90 28.22
CA ASN B 13 -8.92 4.54 27.88
C ASN B 13 -8.76 5.53 26.75
N VAL B 14 -9.88 5.91 26.16
CA VAL B 14 -9.83 6.81 24.98
C VAL B 14 -9.46 8.22 25.38
N GLY B 15 -9.67 8.52 26.66
CA GLY B 15 -9.45 9.90 27.19
C GLY B 15 -10.78 10.70 27.17
N PRO B 16 -10.71 12.01 27.45
CA PRO B 16 -11.95 12.84 27.42
C PRO B 16 -12.48 13.16 26.03
N LEU B 17 -11.67 12.90 25.00
CA LEU B 17 -11.99 13.26 23.62
C LEU B 17 -12.19 14.78 23.49
N ASN B 18 -11.20 15.51 23.99
CA ASN B 18 -11.00 16.89 23.51
C ASN B 18 -10.39 16.82 22.11
N PRO B 19 -11.11 17.39 21.10
CA PRO B 19 -10.62 17.25 19.70
C PRO B 19 -9.32 18.03 19.50
N HIS B 20 -8.99 18.93 20.43
CA HIS B 20 -7.89 19.89 20.25
C HIS B 20 -6.66 19.65 21.09
N LEU B 21 -6.63 18.55 21.85
CA LEU B 21 -5.55 18.28 22.74
C LEU B 21 -4.93 16.91 22.41
N TYR B 22 -3.88 16.55 23.18
CA TYR B 22 -3.04 15.38 22.80
C TYR B 22 -3.20 14.39 23.93
N THR B 23 -2.11 13.79 24.45
CA THR B 23 -2.26 12.87 25.58
CA THR B 23 -2.16 12.94 25.67
C THR B 23 -3.15 13.48 26.67
N PRO B 24 -4.00 12.64 27.28
CA PRO B 24 -4.31 11.21 27.13
C PRO B 24 -5.35 10.86 26.04
N ASN B 25 -5.76 11.83 25.20
CA ASN B 25 -6.71 11.53 24.13
C ASN B 25 -6.10 10.59 23.13
N GLN B 26 -6.86 9.56 22.74
CA GLN B 26 -6.37 8.63 21.69
C GLN B 26 -6.88 9.03 20.35
N MET B 27 -5.95 9.17 19.37
CA MET B 27 -6.21 9.70 18.06
C MET B 27 -7.37 8.92 17.42
N PHE B 28 -7.33 7.61 17.53
CA PHE B 28 -8.31 6.84 16.71
C PHE B 28 -9.73 7.18 17.22
N ALA B 29 -9.80 7.49 18.52
CA ALA B 29 -11.11 7.80 19.18
C ALA B 29 -11.55 9.19 18.84
N GLN B 30 -10.60 10.16 18.83
CA GLN B 30 -10.94 11.48 18.27
C GLN B 30 -11.45 11.38 16.85
N SER B 31 -10.84 10.51 16.05
CA SER B 31 -11.30 10.40 14.66
C SER B 31 -12.70 9.72 14.48
N MET B 32 -13.12 8.97 15.48
CA MET B 32 -14.42 8.30 15.43
C MET B 32 -15.53 9.34 15.70
N VAL B 33 -15.20 10.34 16.50
CA VAL B 33 -16.21 11.35 16.92
C VAL B 33 -16.14 12.65 16.10
N TYR B 34 -14.93 13.08 15.76
CA TYR B 34 -14.77 14.33 15.06
C TYR B 34 -14.32 14.16 13.63
N GLU B 35 -14.70 15.16 12.81
CA GLU B 35 -14.47 15.18 11.40
C GLU B 35 -13.78 16.41 10.89
N PRO B 36 -13.03 16.27 9.78
CA PRO B 36 -12.31 17.38 9.21
C PRO B 36 -13.07 18.08 8.08
N LEU B 37 -12.58 19.23 7.65
CA LEU B 37 -13.13 19.85 6.41
C LEU B 37 -13.03 18.98 5.14
N VAL B 38 -11.89 18.25 4.99
CA VAL B 38 -11.62 17.45 3.82
C VAL B 38 -10.97 16.17 4.34
N LYS B 39 -11.08 15.09 3.60
CA LYS B 39 -10.87 13.77 4.16
C LYS B 39 -9.73 13.15 3.32
N TYR B 40 -8.74 12.60 4.01
CA TYR B 40 -7.56 12.01 3.34
C TYR B 40 -7.86 10.70 2.64
N GLN B 41 -7.26 10.49 1.45
CA GLN B 41 -7.47 9.29 0.63
C GLN B 41 -6.13 8.52 0.50
N ALA B 42 -6.16 7.21 0.30
CA ALA B 42 -4.91 6.41 0.20
C ALA B 42 -3.96 6.88 -0.86
N ASP B 43 -4.47 7.49 -1.95
CA ASP B 43 -3.61 7.95 -2.97
C ASP B 43 -2.92 9.24 -2.67
N GLY B 44 -3.21 9.82 -1.50
CA GLY B 44 -2.55 11.06 -1.10
C GLY B 44 -3.38 12.31 -1.24
N SER B 45 -4.50 12.18 -1.95
CA SER B 45 -5.35 13.33 -2.23
C SER B 45 -6.32 13.50 -1.06
N VAL B 46 -7.09 14.59 -1.10
CA VAL B 46 -8.27 14.66 -0.19
C VAL B 46 -9.58 14.69 -1.02
N ILE B 47 -10.69 14.31 -0.39
CA ILE B 47 -12.00 14.54 -0.98
C ILE B 47 -12.78 15.53 -0.08
N PRO B 48 -13.71 16.29 -0.69
CA PRO B 48 -14.59 17.14 0.12
C PRO B 48 -15.16 16.28 1.23
N TRP B 49 -15.39 16.87 2.40
CA TRP B 49 -15.99 16.17 3.54
C TRP B 49 -17.00 17.15 4.19
N LEU B 50 -16.75 17.67 5.39
CA LEU B 50 -17.59 18.79 5.93
C LEU B 50 -17.64 19.99 5.04
N ALA B 51 -16.52 20.28 4.36
CA ALA B 51 -16.45 21.31 3.29
C ALA B 51 -16.82 20.68 1.99
N LYS B 52 -17.88 21.20 1.35
CA LYS B 52 -18.34 20.50 0.13
C LYS B 52 -17.55 20.95 -1.10
N SER B 53 -17.02 22.16 -1.06
CA SER B 53 -16.22 22.68 -2.15
C SER B 53 -15.36 23.80 -1.66
N TRP B 54 -14.41 24.21 -2.46
CA TRP B 54 -13.55 25.32 -2.06
C TRP B 54 -12.99 25.95 -3.25
N THR B 55 -12.58 27.21 -3.07
CA THR B 55 -11.81 27.95 -4.04
C THR B 55 -10.70 28.61 -3.25
N HIS B 56 -9.78 29.26 -3.95
CA HIS B 56 -8.67 29.95 -3.33
C HIS B 56 -8.17 31.04 -4.25
N SER B 57 -7.46 32.03 -3.70
CA SER B 57 -6.93 33.10 -4.52
C SER B 57 -5.84 32.56 -5.47
N GLU B 58 -5.60 33.31 -6.56
CA GLU B 58 -4.51 33.04 -7.51
C GLU B 58 -3.17 32.81 -6.80
N ASP B 59 -2.88 33.58 -5.75
CA ASP B 59 -1.61 33.41 -5.00
C ASP B 59 -1.63 32.25 -3.92
N GLY B 60 -2.65 31.40 -4.00
CA GLY B 60 -2.91 30.31 -3.03
C GLY B 60 -2.85 30.59 -1.52
N LYS B 61 -2.98 31.86 -1.09
CA LYS B 61 -2.98 32.24 0.34
C LYS B 61 -4.37 32.37 0.98
N THR B 62 -5.41 32.53 0.17
CA THR B 62 -6.74 32.69 0.73
C THR B 62 -7.64 31.63 0.24
N TRP B 63 -8.21 30.90 1.21
CA TRP B 63 -9.05 29.76 0.93
C TRP B 63 -10.43 29.98 1.44
N THR B 64 -11.41 29.70 0.58
CA THR B 64 -12.78 29.88 0.99
C THR B 64 -13.48 28.57 0.78
N PHE B 65 -13.84 27.89 1.87
CA PHE B 65 -14.62 26.68 1.77
C PHE B 65 -16.10 26.91 1.87
N THR B 66 -16.85 26.18 1.04
CA THR B 66 -18.29 26.13 1.13
C THR B 66 -18.64 24.87 1.89
N LEU B 67 -19.15 25.07 3.11
CA LEU B 67 -19.56 23.96 3.95
C LEU B 67 -20.87 23.30 3.55
N ARG B 68 -20.96 21.99 3.79
CA ARG B 68 -22.24 21.29 3.73
C ARG B 68 -23.25 22.02 4.62
N ASP B 69 -24.52 22.02 4.21
CA ASP B 69 -25.56 22.68 5.05
C ASP B 69 -26.53 21.71 5.73
N ASP B 70 -26.24 20.41 5.64
CA ASP B 70 -27.07 19.33 6.13
C ASP B 70 -26.39 18.61 7.31
N VAL B 71 -25.32 19.19 7.83
CA VAL B 71 -24.55 18.48 8.88
C VAL B 71 -24.94 18.88 10.29
N LYS B 72 -25.23 17.90 11.15
CA LYS B 72 -25.45 18.30 12.54
CA LYS B 72 -25.58 18.17 12.56
C LYS B 72 -24.53 17.54 13.46
N PHE B 73 -24.17 18.24 14.55
CA PHE B 73 -23.46 17.66 15.71
C PHE B 73 -24.35 16.63 16.33
N SER B 74 -23.80 15.73 17.14
CA SER B 74 -24.61 14.55 17.54
C SER B 74 -25.74 14.91 18.49
N ASN B 75 -25.65 16.10 19.06
CA ASN B 75 -26.80 16.59 19.91
C ASN B 75 -27.88 17.37 19.15
N GLY B 76 -27.87 17.35 17.81
CA GLY B 76 -28.84 18.14 17.03
C GLY B 76 -28.39 19.50 16.54
N GLU B 77 -27.40 20.11 17.21
CA GLU B 77 -27.02 21.49 16.88
C GLU B 77 -26.37 21.54 15.51
N PRO B 78 -26.56 22.68 14.78
CA PRO B 78 -26.05 22.72 13.40
C PRO B 78 -24.51 22.85 13.30
N PHE B 79 -23.92 22.19 12.33
CA PHE B 79 -22.53 22.54 12.03
C PHE B 79 -22.59 23.62 10.95
N ASP B 80 -21.99 24.76 11.24
CA ASP B 80 -21.95 25.84 10.21
C ASP B 80 -20.65 26.60 10.24
N ALA B 81 -20.51 27.58 9.35
CA ALA B 81 -19.27 28.37 9.25
C ALA B 81 -18.83 28.99 10.54
N GLU B 82 -19.81 29.37 11.36
CA GLU B 82 -19.51 30.00 12.62
C GLU B 82 -18.92 28.99 13.62
N ALA B 83 -19.50 27.80 13.64
CA ALA B 83 -19.02 26.79 14.57
C ALA B 83 -17.62 26.36 14.13
N ALA B 84 -17.42 26.28 12.82
CA ALA B 84 -16.10 25.90 12.31
C ALA B 84 -15.06 26.96 12.79
N ALA B 85 -15.41 28.25 12.67
CA ALA B 85 -14.45 29.29 12.93
C ALA B 85 -14.15 29.38 14.41
N GLU B 86 -15.13 29.04 15.23
CA GLU B 86 -14.91 29.01 16.64
C GLU B 86 -13.91 27.93 17.05
N ASN B 87 -14.01 26.81 16.34
CA ASN B 87 -13.07 25.67 16.60
C ASN B 87 -11.67 26.14 16.18
N PHE B 88 -11.52 26.75 14.98
CA PHE B 88 -10.21 27.27 14.63
C PHE B 88 -9.67 28.25 15.62
N ARG B 89 -10.53 29.16 16.09
CA ARG B 89 -10.06 30.04 17.16
C ARG B 89 -9.56 29.37 18.43
N ALA B 90 -10.35 28.42 18.97
CA ALA B 90 -10.02 27.63 20.17
C ALA B 90 -8.67 26.92 20.04
N VAL B 91 -8.45 26.35 18.84
CA VAL B 91 -7.12 25.68 18.57
C VAL B 91 -5.95 26.67 18.58
N LEU B 92 -6.09 27.71 17.74
CA LEU B 92 -4.99 28.72 17.59
C LEU B 92 -4.79 29.66 18.81
N ASP B 93 -5.76 29.81 19.71
CA ASP B 93 -5.47 30.36 21.08
C ASP B 93 -4.38 29.57 21.84
N ASN B 94 -4.09 28.30 21.49
CA ASN B 94 -3.09 27.45 22.16
C ASN B 94 -2.05 27.08 21.09
N ARG B 95 -1.82 28.00 20.17
CA ARG B 95 -0.97 27.76 19.01
C ARG B 95 0.40 27.06 19.31
N GLN B 96 1.04 27.47 20.39
CA GLN B 96 2.33 26.97 20.85
C GLN B 96 2.33 25.45 21.07
N ARG B 97 1.20 24.91 21.53
CA ARG B 97 1.11 23.49 21.76
C ARG B 97 1.08 22.72 20.39
N HIS B 98 0.73 23.39 19.30
CA HIS B 98 0.70 22.79 17.97
C HIS B 98 1.91 23.06 17.13
N ALA B 99 3.01 23.47 17.79
CA ALA B 99 4.26 23.95 17.10
C ALA B 99 4.78 22.91 16.10
N TRP B 100 4.66 21.64 16.45
CA TRP B 100 5.07 20.57 15.53
C TRP B 100 4.39 20.59 14.19
N LEU B 101 3.16 21.13 14.09
CA LEU B 101 2.40 21.06 12.86
C LEU B 101 2.46 22.35 12.13
N GLU B 102 3.00 22.35 10.89
CA GLU B 102 3.30 23.69 10.30
C GLU B 102 2.03 24.50 9.99
N LEU B 103 0.92 23.84 9.68
CA LEU B 103 -0.32 24.53 9.40
C LEU B 103 -0.70 25.47 10.52
N ALA B 104 -0.39 25.09 11.77
CA ALA B 104 -0.79 25.95 12.93
C ALA B 104 -0.04 27.26 12.92
N ASN B 105 1.14 27.25 12.33
CA ASN B 105 1.92 28.48 12.19
C ASN B 105 1.43 29.21 10.95
N GLN B 106 0.94 28.50 9.95
CA GLN B 106 0.61 29.13 8.66
C GLN B 106 -0.69 29.95 8.75
N ILE B 107 -1.56 29.64 9.74
CA ILE B 107 -2.91 30.20 9.66
C ILE B 107 -2.85 31.58 10.27
N VAL B 108 -3.27 32.56 9.47
CA VAL B 108 -3.24 33.94 9.98
C VAL B 108 -4.68 34.31 10.37
N ASP B 109 -5.68 33.90 9.58
CA ASP B 109 -7.03 34.30 9.93
C ASP B 109 -8.08 33.28 9.54
N VAL B 110 -9.11 33.09 10.38
CA VAL B 110 -10.27 32.27 9.99
C VAL B 110 -11.53 33.09 10.33
N LYS B 111 -12.45 33.19 9.37
CA LYS B 111 -13.62 34.09 9.41
C LYS B 111 -14.81 33.39 8.78
N ALA B 112 -15.97 33.35 9.43
CA ALA B 112 -17.20 32.95 8.74
C ALA B 112 -17.62 34.19 7.94
N LEU B 113 -17.81 34.00 6.65
CA LEU B 113 -18.25 35.08 5.77
C LEU B 113 -19.77 35.02 5.76
N SER B 114 -20.32 33.83 5.94
CA SER B 114 -21.76 33.60 5.91
C SER B 114 -22.03 32.37 6.73
N LYS B 115 -23.22 31.80 6.59
CA LYS B 115 -23.58 30.63 7.36
C LYS B 115 -22.82 29.37 6.82
N THR B 116 -22.51 29.40 5.52
CA THR B 116 -21.88 28.29 4.83
C THR B 116 -20.47 28.51 4.26
N GLU B 117 -19.93 29.73 4.30
CA GLU B 117 -18.61 30.05 3.76
C GLU B 117 -17.58 30.39 4.84
N LEU B 118 -16.43 29.72 4.79
CA LEU B 118 -15.41 29.81 5.83
C LEU B 118 -14.11 30.22 5.17
N GLN B 119 -13.50 31.28 5.64
CA GLN B 119 -12.39 31.77 4.90
C GLN B 119 -11.14 31.64 5.73
N ILE B 120 -10.16 30.93 5.16
CA ILE B 120 -8.87 30.75 5.82
C ILE B 120 -7.76 31.37 5.00
N THR B 121 -6.99 32.20 5.70
CA THR B 121 -5.92 32.98 5.14
C THR B 121 -4.65 32.42 5.75
N LEU B 122 -3.64 32.20 4.90
CA LEU B 122 -2.35 31.65 5.32
C LEU B 122 -1.22 32.65 5.02
N LYS B 123 -0.07 32.47 5.66
CA LYS B 123 1.17 33.18 5.25
C LYS B 123 1.72 32.74 3.86
N SER B 124 1.55 31.48 3.48
CA SER B 124 2.15 30.99 2.24
C SER B 124 1.16 30.12 1.45
N ALA B 125 1.49 29.74 0.21
CA ALA B 125 0.61 28.83 -0.56
C ALA B 125 1.05 27.40 -0.20
N TYR B 126 0.59 27.00 1.00
CA TYR B 126 1.21 25.95 1.83
C TYR B 126 0.85 24.59 1.24
N TYR B 127 1.87 23.88 0.72
CA TYR B 127 1.48 22.77 -0.11
C TYR B 127 0.68 21.72 0.62
N PRO B 128 1.07 21.40 1.92
CA PRO B 128 0.34 20.32 2.63
C PRO B 128 -0.98 20.79 3.28
N PHE B 129 -1.41 22.00 2.96
CA PHE B 129 -2.63 22.58 3.62
C PHE B 129 -3.80 21.62 3.81
N LEU B 130 -4.30 21.02 2.72
CA LEU B 130 -5.46 20.19 2.80
C LEU B 130 -5.20 18.87 3.55
N GLN B 131 -4.03 18.23 3.30
CA GLN B 131 -3.65 17.04 4.12
C GLN B 131 -3.60 17.30 5.64
N GLU B 132 -3.17 18.49 6.05
CA GLU B 132 -3.05 18.79 7.47
C GLU B 132 -4.39 19.18 8.11
N LEU B 133 -5.25 19.80 7.29
CA LEU B 133 -6.71 19.85 7.72
C LEU B 133 -7.38 18.49 7.87
N ALA B 134 -6.86 17.48 7.16
CA ALA B 134 -7.44 16.16 7.17
C ALA B 134 -7.01 15.39 8.43
N LEU B 135 -6.01 15.86 9.19
CA LEU B 135 -5.42 14.99 10.23
C LEU B 135 -6.47 14.77 11.37
N PRO B 136 -6.34 13.68 12.16
CA PRO B 136 -7.15 13.41 13.33
C PRO B 136 -7.32 14.62 14.27
N ARG B 137 -6.26 15.39 14.47
CA ARG B 137 -6.23 16.52 15.37
C ARG B 137 -5.12 17.44 14.91
N PRO B 138 -5.23 18.76 15.18
CA PRO B 138 -6.26 19.41 16.04
C PRO B 138 -7.37 20.03 15.24
N PHE B 139 -7.43 19.93 13.90
CA PHE B 139 -8.41 20.78 13.20
C PHE B 139 -9.76 20.13 12.90
N ARG B 140 -10.36 19.48 13.90
CA ARG B 140 -11.67 18.89 13.71
C ARG B 140 -12.61 19.62 14.72
N PHE B 141 -13.90 19.30 14.62
CA PHE B 141 -14.93 20.27 15.11
C PHE B 141 -15.82 19.66 16.18
N ILE B 142 -15.66 20.24 17.37
CA ILE B 142 -16.60 20.05 18.48
C ILE B 142 -17.69 21.17 18.52
N ALA B 143 -18.89 20.82 18.98
CA ALA B 143 -19.98 21.81 19.14
C ALA B 143 -19.53 22.94 20.04
N PRO B 144 -19.61 24.18 19.55
CA PRO B 144 -19.13 25.26 20.40
C PRO B 144 -19.87 25.41 21.75
N SER B 145 -21.10 24.91 21.82
CA SER B 145 -21.78 24.70 23.16
C SER B 145 -20.99 23.95 24.22
N GLN B 146 -20.02 23.11 23.82
CA GLN B 146 -19.22 22.32 24.80
C GLN B 146 -17.85 22.89 25.16
N PHE B 147 -17.57 24.09 24.67
CA PHE B 147 -16.40 24.82 25.08
C PHE B 147 -16.54 25.15 26.55
N LYS B 148 -15.43 25.35 27.28
CA LYS B 148 -15.45 25.82 28.68
C LYS B 148 -14.93 27.25 28.66
N ASN B 149 -15.78 28.21 29.04
CA ASN B 149 -15.31 29.62 29.09
C ASN B 149 -14.76 30.07 27.71
N HIS B 150 -15.47 29.65 26.65
CA HIS B 150 -15.15 29.99 25.25
C HIS B 150 -13.87 29.45 24.78
N GLU B 151 -13.38 28.41 25.45
CA GLU B 151 -12.11 27.77 25.02
C GLU B 151 -12.26 26.25 24.99
N THR B 152 -11.29 25.58 24.35
CA THR B 152 -11.15 24.11 24.55
C THR B 152 -9.79 23.80 25.17
N MET B 153 -8.85 24.76 25.22
CA MET B 153 -7.46 24.45 25.70
C MET B 153 -7.40 24.03 27.18
N ASN B 154 -8.45 24.36 27.96
CA ASN B 154 -8.47 24.03 29.36
C ASN B 154 -9.51 22.98 29.67
N GLY B 155 -10.05 22.34 28.65
CA GLY B 155 -11.16 21.38 28.93
C GLY B 155 -12.34 21.60 28.05
N ILE B 156 -13.17 20.56 27.91
CA ILE B 156 -14.43 20.66 27.23
C ILE B 156 -15.53 20.13 28.14
N LYS B 157 -16.79 20.29 27.71
CA LYS B 157 -17.91 19.73 28.47
C LYS B 157 -18.16 18.31 28.00
N ALA B 158 -19.08 18.06 27.07
CA ALA B 158 -19.25 16.74 26.53
C ALA B 158 -18.55 16.66 25.15
N PRO B 159 -18.10 15.45 24.72
CA PRO B 159 -17.32 15.40 23.46
C PRO B 159 -18.20 15.30 22.17
N ILE B 160 -18.85 16.40 21.81
CA ILE B 160 -19.95 16.27 20.87
C ILE B 160 -19.42 16.62 19.51
N GLY B 161 -19.25 15.64 18.64
CA GLY B 161 -18.81 15.98 17.26
C GLY B 161 -19.91 15.70 16.21
N THR B 162 -19.50 15.70 14.95
CA THR B 162 -20.38 15.44 13.82
C THR B 162 -20.28 13.99 13.36
N GLY B 163 -19.33 13.22 13.91
CA GLY B 163 -18.95 11.94 13.27
C GLY B 163 -19.94 10.82 13.53
N PRO B 164 -19.66 9.66 12.94
CA PRO B 164 -20.58 8.51 12.91
C PRO B 164 -20.73 7.83 14.24
N TRP B 165 -19.82 8.13 15.19
CA TRP B 165 -19.84 7.55 16.55
C TRP B 165 -19.95 8.57 17.66
N ILE B 166 -20.51 8.13 18.78
CA ILE B 166 -20.79 8.95 19.92
C ILE B 166 -20.21 8.24 21.12
N LEU B 167 -19.41 8.91 21.95
CA LEU B 167 -18.92 8.26 23.14
C LEU B 167 -20.02 8.23 24.21
N GLN B 168 -20.44 7.04 24.60
CA GLN B 168 -21.55 6.93 25.56
C GLN B 168 -21.13 6.73 27.00
N GLU B 169 -20.06 5.98 27.24
CA GLU B 169 -19.69 5.65 28.63
C GLU B 169 -18.23 5.43 28.66
N SER B 170 -17.61 5.85 29.76
CA SER B 170 -16.16 5.69 29.95
CA SER B 170 -16.17 5.72 29.94
C SER B 170 -15.94 5.30 31.37
N LYS B 171 -15.22 4.21 31.59
CA LYS B 171 -14.92 3.82 32.98
C LYS B 171 -13.41 3.55 33.09
N LEU B 172 -12.74 4.36 33.91
CA LEU B 172 -11.27 4.38 34.05
C LEU B 172 -10.73 2.97 34.29
N ASN B 173 -9.75 2.61 33.46
CA ASN B 173 -9.08 1.32 33.52
C ASN B 173 -10.02 0.15 33.24
N GLN B 174 -11.16 0.40 32.63
CA GLN B 174 -12.04 -0.70 32.35
C GLN B 174 -12.51 -0.67 30.92
N TYR B 175 -13.18 0.39 30.50
CA TYR B 175 -13.74 0.34 29.15
C TYR B 175 -14.21 1.66 28.67
N ASP B 176 -14.48 1.73 27.37
CA ASP B 176 -15.19 2.87 26.82
C ASP B 176 -16.20 2.33 25.84
N VAL B 177 -17.41 2.89 25.84
CA VAL B 177 -18.43 2.45 24.95
C VAL B 177 -18.84 3.56 23.97
N PHE B 178 -18.90 3.24 22.70
CA PHE B 178 -19.44 4.14 21.64
C PHE B 178 -20.69 3.55 21.05
N VAL B 179 -21.62 4.44 20.64
CA VAL B 179 -22.77 4.03 19.86
C VAL B 179 -22.84 4.79 18.56
N ARG B 180 -23.44 4.14 17.56
CA ARG B 180 -23.67 4.73 16.25
C ARG B 180 -24.43 6.04 16.45
N ASN B 181 -23.99 7.09 15.78
CA ASN B 181 -24.71 8.30 15.69
C ASN B 181 -25.88 8.06 14.71
N GLU B 182 -27.10 7.98 15.26
CA GLU B 182 -28.34 7.71 14.47
C GLU B 182 -28.73 8.87 13.52
N ASN B 183 -28.11 10.02 13.72
CA ASN B 183 -28.34 11.27 12.97
C ASN B 183 -27.08 11.72 12.20
N TYR B 184 -26.24 10.75 11.82
CA TYR B 184 -25.01 11.06 11.10
C TYR B 184 -25.34 11.61 9.68
N TRP B 185 -24.74 12.73 9.28
CA TRP B 185 -25.01 13.18 7.90
C TRP B 185 -24.64 12.23 6.78
N GLY B 186 -23.70 11.30 6.99
CA GLY B 186 -23.28 10.44 5.88
C GLY B 186 -23.83 9.05 5.95
N GLU B 187 -23.02 8.07 5.51
CA GLU B 187 -23.45 6.67 5.48
C GLU B 187 -23.58 6.19 6.92
N LYS B 188 -24.70 5.53 7.24
CA LYS B 188 -24.90 4.91 8.54
C LYS B 188 -23.96 3.72 8.78
N PRO B 189 -23.19 3.71 9.90
CA PRO B 189 -22.42 2.46 10.12
C PRO B 189 -23.33 1.27 10.25
N ALA B 190 -22.92 0.10 9.75
CA ALA B 190 -23.67 -1.14 10.02
C ALA B 190 -23.59 -1.60 11.51
N ILE B 191 -22.54 -1.21 12.24
CA ILE B 191 -22.35 -1.67 13.61
C ILE B 191 -23.00 -0.62 14.55
N LYS B 192 -23.80 -1.04 15.52
CA LYS B 192 -24.57 -0.09 16.36
C LYS B 192 -23.80 0.32 17.65
N LYS B 193 -22.99 -0.61 18.18
CA LYS B 193 -22.26 -0.37 19.41
C LYS B 193 -20.84 -0.95 19.37
N ILE B 194 -19.87 -0.22 19.96
CA ILE B 194 -18.48 -0.72 19.99
C ILE B 194 -17.97 -0.49 21.41
N THR B 195 -17.59 -1.55 22.06
CA THR B 195 -17.10 -1.49 23.41
C THR B 195 -15.57 -1.69 23.34
N PHE B 196 -14.80 -0.77 23.93
CA PHE B 196 -13.33 -1.01 24.03
C PHE B 196 -12.97 -1.41 25.43
N ASN B 197 -12.48 -2.64 25.53
CA ASN B 197 -11.99 -3.09 26.82
C ASN B 197 -10.59 -2.58 27.01
N VAL B 198 -10.28 -2.03 28.19
CA VAL B 198 -8.89 -1.55 28.42
C VAL B 198 -8.03 -2.76 28.82
N ILE B 199 -7.04 -3.10 27.97
CA ILE B 199 -6.19 -4.24 28.19
C ILE B 199 -4.76 -3.89 27.81
N PRO B 200 -3.92 -3.50 28.80
CA PRO B 200 -2.53 -3.03 28.50
C PRO B 200 -1.57 -4.10 28.04
N ASP B 201 -1.77 -5.38 28.44
CA ASP B 201 -0.80 -6.45 28.18
C ASP B 201 -1.10 -7.13 26.83
N PRO B 202 -0.09 -7.22 25.92
CA PRO B 202 -0.37 -7.85 24.60
C PRO B 202 -0.76 -9.34 24.67
N THR B 203 -0.20 -10.05 25.66
CA THR B 203 -0.54 -11.43 25.78
C THR B 203 -1.99 -11.49 26.27
N THR B 204 -2.44 -10.58 27.15
CA THR B 204 -3.88 -10.62 27.60
C THR B 204 -4.80 -10.26 26.48
N ARG B 205 -4.35 -9.38 25.58
CA ARG B 205 -5.21 -9.09 24.44
C ARG B 205 -5.38 -10.34 23.58
N ALA B 206 -4.29 -11.08 23.42
CA ALA B 206 -4.32 -12.35 22.62
C ALA B 206 -5.31 -13.32 23.27
N VAL B 207 -5.23 -13.44 24.60
CA VAL B 207 -6.16 -14.42 25.30
C VAL B 207 -7.61 -13.94 25.19
N ALA B 208 -7.86 -12.64 25.35
CA ALA B 208 -9.20 -12.02 25.28
C ALA B 208 -9.77 -12.31 23.90
N PHE B 209 -8.89 -12.26 22.87
CA PHE B 209 -9.40 -12.62 21.54
C PHE B 209 -9.68 -14.15 21.42
N GLU B 210 -8.72 -14.96 21.85
CA GLU B 210 -8.83 -16.38 21.52
C GLU B 210 -10.01 -17.04 22.26
N THR B 211 -10.33 -16.50 23.42
CA THR B 211 -11.51 -16.95 24.16
C THR B 211 -12.81 -16.48 23.63
N GLY B 212 -12.78 -15.49 22.71
CA GLY B 212 -14.03 -14.93 22.24
C GLY B 212 -14.56 -13.78 23.08
N ASP B 213 -13.83 -13.34 24.15
CA ASP B 213 -14.27 -12.20 24.95
C ASP B 213 -14.30 -10.92 24.11
N ILE B 214 -13.30 -10.79 23.26
CA ILE B 214 -13.37 -9.68 22.30
C ILE B 214 -13.43 -10.24 20.87
N ASP B 215 -13.83 -9.36 19.93
CA ASP B 215 -14.15 -9.80 18.54
C ASP B 215 -13.09 -9.39 17.51
N LEU B 216 -12.27 -8.43 17.90
CA LEU B 216 -11.36 -7.76 16.94
C LEU B 216 -10.20 -7.12 17.67
N LEU B 217 -9.01 -7.23 17.06
CA LEU B 217 -7.80 -6.47 17.49
C LEU B 217 -7.26 -5.83 16.21
N TYR B 218 -6.89 -4.55 16.34
CA TYR B 218 -6.40 -3.83 15.10
C TYR B 218 -5.30 -2.86 15.58
N GLY B 219 -4.08 -3.03 15.10
CA GLY B 219 -3.04 -2.07 15.64
C GLY B 219 -1.72 -2.38 14.98
N ASN B 220 -0.67 -1.81 15.57
CA ASN B 220 0.65 -2.02 14.90
C ASN B 220 1.37 -3.27 15.42
N GLU B 221 2.70 -3.37 15.26
CA GLU B 221 3.46 -4.56 15.54
C GLU B 221 3.42 -4.97 17.02
N GLY B 222 2.97 -4.04 17.85
CA GLY B 222 2.89 -4.41 19.29
C GLY B 222 1.47 -4.84 19.67
N LEU B 223 0.61 -5.06 18.70
CA LEU B 223 -0.82 -5.42 19.03
C LEU B 223 -0.91 -6.70 19.91
N LEU B 224 -0.20 -7.76 19.54
CA LEU B 224 -0.24 -9.08 20.30
C LEU B 224 1.07 -9.73 20.00
N PRO B 225 1.41 -10.80 20.73
CA PRO B 225 2.72 -11.36 20.50
C PRO B 225 2.80 -11.99 19.10
N LEU B 226 3.95 -11.79 18.45
CA LEU B 226 3.99 -12.19 17.06
C LEU B 226 4.01 -13.68 16.76
N ASP B 227 4.55 -14.50 17.70
CA ASP B 227 4.42 -15.95 17.54
C ASP B 227 2.94 -16.35 17.69
N THR B 228 2.23 -15.66 18.57
CA THR B 228 0.79 -15.96 18.68
C THR B 228 0.03 -15.58 17.39
N PHE B 229 0.34 -14.43 16.88
CA PHE B 229 -0.26 -13.97 15.62
C PHE B 229 0.00 -14.98 14.47
N ALA B 230 1.24 -15.50 14.36
CA ALA B 230 1.58 -16.48 13.35
C ALA B 230 0.78 -17.77 13.54
N ARG B 231 0.65 -18.22 14.82
CA ARG B 231 -0.20 -19.38 15.07
C ARG B 231 -1.68 -19.15 14.67
N PHE B 232 -2.20 -17.96 14.99
CA PHE B 232 -3.59 -17.61 14.65
C PHE B 232 -3.82 -17.64 13.13
N SER B 233 -2.78 -17.20 12.40
CA SER B 233 -2.89 -17.14 10.88
CA SER B 233 -2.84 -17.12 10.93
C SER B 233 -2.99 -18.50 10.29
N GLN B 234 -2.62 -19.56 11.04
CA GLN B 234 -2.68 -20.93 10.53
C GLN B 234 -3.96 -21.64 10.92
N ASN B 235 -4.87 -20.99 11.61
CA ASN B 235 -6.06 -21.67 12.15
C ASN B 235 -7.36 -21.02 11.66
N PRO B 236 -8.20 -21.75 10.88
CA PRO B 236 -9.43 -21.13 10.38
C PRO B 236 -10.42 -20.77 11.40
N ALA B 237 -10.21 -21.21 12.64
CA ALA B 237 -11.11 -20.67 13.73
C ALA B 237 -10.96 -19.15 13.86
N TYR B 238 -9.83 -18.61 13.42
CA TYR B 238 -9.58 -17.14 13.56
C TYR B 238 -9.39 -16.52 12.13
N HIS B 239 -9.33 -15.21 12.07
CA HIS B 239 -8.90 -14.52 10.83
C HIS B 239 -7.76 -13.59 11.21
N THR B 240 -6.71 -13.58 10.38
CA THR B 240 -5.66 -12.55 10.55
C THR B 240 -5.41 -11.76 9.25
N GLN B 241 -4.76 -10.60 9.43
CA GLN B 241 -4.32 -9.83 8.24
C GLN B 241 -3.07 -9.06 8.65
N LEU B 242 -2.30 -8.73 7.61
CA LEU B 242 -1.10 -7.91 7.76
C LEU B 242 -1.19 -6.91 6.60
N SER B 243 -1.14 -5.63 6.90
CA SER B 243 -1.15 -4.64 5.78
C SER B 243 0.24 -4.55 5.12
N GLN B 244 0.25 -3.80 4.01
CA GLN B 244 1.56 -3.45 3.51
CA GLN B 244 1.50 -3.33 3.43
C GLN B 244 2.15 -2.40 4.50
N PRO B 245 3.48 -2.24 4.45
CA PRO B 245 4.04 -1.44 5.57
C PRO B 245 3.50 0.00 5.66
N ILE B 246 3.45 0.54 6.87
CA ILE B 246 2.88 1.89 7.08
C ILE B 246 3.92 2.90 7.55
N GLU B 247 5.00 2.49 8.19
CA GLU B 247 5.92 3.45 8.84
C GLU B 247 7.18 2.72 9.32
N THR B 248 8.20 3.50 9.65
CA THR B 248 9.48 2.94 10.03
C THR B 248 9.61 2.84 11.56
N VAL B 249 10.23 1.76 12.01
CA VAL B 249 10.72 1.65 13.41
C VAL B 249 12.25 1.69 13.34
N MET B 250 12.88 2.46 14.25
CA MET B 250 14.33 2.67 14.15
CA MET B 250 14.35 2.73 14.11
C MET B 250 14.88 3.04 15.49
N LEU B 251 16.20 2.99 15.65
CA LEU B 251 16.70 3.74 16.81
C LEU B 251 17.05 5.15 16.42
N ALA B 252 16.98 6.03 17.40
CA ALA B 252 17.55 7.45 17.24
C ALA B 252 18.83 7.49 18.04
N LEU B 253 19.93 7.92 17.37
CA LEU B 253 21.26 7.92 18.00
C LEU B 253 21.54 9.37 18.44
N ASN B 254 22.04 9.57 19.68
CA ASN B 254 22.23 10.97 20.10
C ASN B 254 23.58 11.61 19.63
N THR B 255 23.52 12.51 18.63
CA THR B 255 24.73 12.97 18.02
C THR B 255 25.36 14.00 18.92
N ALA B 256 24.68 14.30 20.03
CA ALA B 256 25.30 15.28 20.99
C ALA B 256 25.79 14.60 22.28
N LYS B 257 25.82 13.26 22.34
CA LYS B 257 26.22 12.58 23.58
CA LYS B 257 26.24 12.61 23.56
C LYS B 257 27.29 11.58 23.29
N ALA B 258 28.43 11.65 23.97
CA ALA B 258 29.41 10.63 23.84
C ALA B 258 28.90 9.23 24.11
N PRO B 259 29.30 8.22 23.33
CA PRO B 259 30.22 8.12 22.16
C PRO B 259 29.46 8.16 20.83
N THR B 260 28.13 8.26 20.91
CA THR B 260 27.32 8.41 19.68
C THR B 260 27.49 9.76 19.02
N ASN B 261 28.16 10.70 19.66
CA ASN B 261 28.49 11.95 18.98
C ASN B 261 29.49 11.73 17.85
N GLU B 262 30.15 10.59 17.80
CA GLU B 262 31.19 10.37 16.73
C GLU B 262 30.49 9.77 15.55
N LEU B 263 30.62 10.44 14.39
CA LEU B 263 30.13 9.82 13.16
C LEU B 263 30.55 8.39 12.98
N ALA B 264 31.83 8.02 13.20
CA ALA B 264 32.28 6.69 12.82
C ALA B 264 31.61 5.69 13.73
N VAL B 265 31.28 6.11 14.97
CA VAL B 265 30.57 5.21 15.91
C VAL B 265 29.13 4.93 15.36
N ARG B 266 28.48 5.98 14.94
CA ARG B 266 27.10 5.80 14.42
C ARG B 266 27.13 4.99 13.14
N GLU B 267 28.11 5.25 12.26
CA GLU B 267 28.27 4.39 11.11
C GLU B 267 28.45 2.90 11.38
N ALA B 268 29.34 2.58 12.32
CA ALA B 268 29.62 1.27 12.75
C ALA B 268 28.36 0.65 13.35
N LEU B 269 27.61 1.40 14.12
CA LEU B 269 26.40 0.80 14.68
C LEU B 269 25.44 0.43 13.59
N ASN B 270 25.40 1.25 12.55
CA ASN B 270 24.54 0.98 11.41
C ASN B 270 24.90 -0.25 10.54
N TYR B 271 26.11 -0.81 10.75
CA TYR B 271 26.47 -2.09 10.09
C TYR B 271 26.39 -3.24 11.07
N ALA B 272 26.13 -2.95 12.35
CA ALA B 272 26.26 -4.01 13.41
C ALA B 272 25.03 -4.93 13.52
N VAL B 273 23.81 -4.48 13.20
CA VAL B 273 22.63 -5.29 13.57
C VAL B 273 22.29 -6.21 12.44
N ASN B 274 22.08 -7.48 12.75
CA ASN B 274 21.64 -8.38 11.70
C ASN B 274 20.07 -8.22 11.66
N LYS B 275 19.60 -7.30 10.82
CA LYS B 275 18.19 -6.95 10.81
C LYS B 275 17.30 -8.11 10.25
N LYS B 276 17.82 -8.78 9.24
CA LYS B 276 17.08 -9.91 8.63
C LYS B 276 16.90 -10.98 9.68
N SER B 277 17.94 -11.27 10.48
CA SER B 277 17.78 -12.23 11.57
C SER B 277 16.83 -11.74 12.62
N LEU B 278 16.84 -10.46 12.95
N LEU B 278 17.05 -10.51 13.15
CA LEU B 278 15.79 -9.91 13.80
CA LEU B 278 16.30 -9.86 14.30
C LEU B 278 14.40 -10.12 13.15
C LEU B 278 14.79 -9.88 14.12
N ILE B 279 14.22 -9.71 11.88
N ILE B 279 14.34 -9.63 12.91
CA ILE B 279 12.92 -9.74 11.27
CA ILE B 279 12.92 -9.63 12.62
C ILE B 279 12.39 -11.16 11.04
C ILE B 279 12.48 -11.08 12.78
N ASP B 280 13.26 -12.06 10.60
N ASP B 280 13.31 -12.00 12.36
CA ASP B 280 12.83 -13.42 10.21
CA ASP B 280 12.94 -13.42 12.60
C ASP B 280 12.46 -14.24 11.43
C ASP B 280 12.68 -13.82 14.06
N ASN B 281 13.25 -14.11 12.47
N ASN B 281 13.52 -13.38 15.01
N ASN B 281 13.01 -13.48 15.39
CA ASN B 281 13.17 -14.96 13.67
CA ASN B 281 13.37 -13.82 16.41
CA ASN B 281 13.57 -13.16 16.71
C ASN B 281 12.28 -14.31 14.72
C ASN B 281 12.73 -12.83 17.40
C ASN B 281 13.20 -11.75 17.16
N ALA B 282 12.84 -13.34 15.47
N ALA B 282 12.64 -11.56 17.04
CA ALA B 282 12.08 -12.65 16.52
CA ALA B 282 11.84 -10.66 17.85
C ALA B 282 10.77 -12.02 16.01
C ALA B 282 10.47 -10.52 17.19
N LEU B 283 10.80 -11.42 14.81
N LEU B 283 10.41 -10.98 15.92
CA LEU B 283 9.54 -10.74 14.39
CA LEU B 283 9.40 -10.65 14.83
C LEU B 283 8.72 -11.62 13.48
C LEU B 283 8.64 -11.70 13.85
N TYR B 284 9.19 -12.85 13.30
CA TYR B 284 8.39 -13.93 12.62
C TYR B 284 8.10 -13.58 11.23
N GLY B 285 8.98 -12.75 10.61
CA GLY B 285 8.84 -12.42 9.15
C GLY B 285 7.68 -11.52 8.94
N THR B 286 7.14 -10.97 10.04
CA THR B 286 5.98 -10.17 9.80
C THR B 286 6.28 -8.74 9.44
N GLN B 287 7.57 -8.43 9.43
CA GLN B 287 7.85 -7.08 9.06
CA GLN B 287 7.98 -7.07 9.15
C GLN B 287 9.00 -7.07 8.05
N GLN B 288 9.29 -5.91 7.49
CA GLN B 288 10.38 -5.85 6.46
C GLN B 288 11.58 -5.14 6.95
N VAL B 289 12.76 -5.59 6.54
CA VAL B 289 13.99 -4.85 6.93
C VAL B 289 14.01 -3.38 6.38
N ALA B 290 14.38 -2.40 7.24
CA ALA B 290 14.55 -1.01 6.80
C ALA B 290 16.05 -0.66 6.69
N ASP B 291 16.42 -0.05 5.57
CA ASP B 291 17.76 0.50 5.40
C ASP B 291 17.78 2.02 5.53
N THR B 292 16.63 2.69 5.41
CA THR B 292 16.60 4.14 5.39
C THR B 292 15.46 4.62 6.27
N LEU B 293 15.59 5.86 6.72
CA LEU B 293 14.55 6.48 7.57
C LEU B 293 13.18 6.34 6.99
N PHE B 294 13.02 6.68 5.71
CA PHE B 294 11.72 6.41 5.06
C PHE B 294 11.91 5.33 3.99
N ALA B 295 10.96 4.43 3.87
CA ALA B 295 11.05 3.43 2.79
C ALA B 295 11.03 4.16 1.43
N PRO B 296 11.61 3.52 0.43
CA PRO B 296 11.66 4.14 -0.91
C PRO B 296 10.31 4.39 -1.49
N SER B 297 9.25 3.70 -1.01
CA SER B 297 7.92 3.93 -1.52
C SER B 297 7.23 5.19 -0.90
N VAL B 298 7.86 5.85 0.07
CA VAL B 298 7.27 7.03 0.69
C VAL B 298 7.49 8.25 -0.27
N PRO B 299 6.51 9.12 -0.34
CA PRO B 299 6.69 10.32 -1.20
C PRO B 299 7.97 11.02 -0.96
N TYR B 300 8.60 11.39 -2.07
CA TYR B 300 9.81 12.19 -2.11
C TYR B 300 11.05 11.43 -1.61
N ALA B 301 10.91 10.12 -1.32
CA ALA B 301 12.02 9.36 -0.64
C ALA B 301 12.70 8.29 -1.46
N ASN B 302 12.38 8.21 -2.77
CA ASN B 302 13.04 7.18 -3.58
C ASN B 302 14.32 7.86 -4.13
N LEU B 303 15.36 7.89 -3.32
CA LEU B 303 16.55 8.67 -3.56
C LEU B 303 17.77 7.83 -3.91
N GLY B 304 17.64 6.50 -3.88
CA GLY B 304 18.83 5.65 -4.18
C GLY B 304 19.90 5.74 -3.06
N LEU B 305 19.48 6.07 -1.84
CA LEU B 305 20.42 6.07 -0.71
C LEU B 305 21.08 4.69 -0.59
N LYS B 306 22.32 4.74 -0.19
CA LYS B 306 23.10 3.53 -0.10
C LYS B 306 22.85 2.85 1.24
N PRO B 307 22.46 1.55 1.29
CA PRO B 307 22.16 0.86 2.57
C PRO B 307 23.44 0.47 3.30
N SER B 308 23.42 0.45 4.62
CA SER B 308 24.43 -0.23 5.37
C SER B 308 23.87 -1.56 5.73
N GLN B 309 24.21 -2.57 4.94
CA GLN B 309 23.78 -3.95 5.18
C GLN B 309 24.68 -4.50 6.25
N TYR B 310 24.13 -5.33 7.14
CA TYR B 310 24.84 -6.14 8.18
C TYR B 310 26.23 -6.56 7.73
N ASP B 311 27.25 -6.04 8.40
CA ASP B 311 28.66 -6.30 8.02
C ASP B 311 29.53 -5.98 9.24
N PRO B 312 29.64 -6.91 10.17
CA PRO B 312 30.40 -6.61 11.41
C PRO B 312 31.89 -6.30 11.05
N GLN B 313 32.38 -6.83 9.94
CA GLN B 313 33.81 -6.50 9.65
C GLN B 313 33.97 -5.09 9.24
N LYS B 314 33.03 -4.56 8.44
CA LYS B 314 33.08 -3.19 8.10
C LYS B 314 32.87 -2.35 9.39
N ALA B 315 31.99 -2.81 10.30
CA ALA B 315 31.78 -1.97 11.54
C ALA B 315 33.06 -1.93 12.36
N LYS B 316 33.71 -3.10 12.50
CA LYS B 316 34.94 -3.20 13.32
C LYS B 316 36.01 -2.28 12.72
N ALA B 317 36.09 -2.30 11.39
CA ALA B 317 37.11 -1.44 10.68
C ALA B 317 36.87 0.03 10.90
N LEU B 318 35.59 0.46 10.92
CA LEU B 318 35.31 1.87 11.06
C LEU B 318 35.72 2.33 12.49
N LEU B 319 35.46 1.46 13.47
CA LEU B 319 35.76 1.83 14.85
C LEU B 319 37.30 1.85 15.02
N GLU B 320 38.00 0.87 14.49
CA GLU B 320 39.51 0.88 14.64
C GLU B 320 40.04 2.17 14.00
N LYS B 321 39.54 2.53 12.82
CA LYS B 321 40.01 3.77 12.19
C LYS B 321 39.76 5.01 13.03
N ALA B 322 38.70 5.02 13.84
CA ALA B 322 38.29 6.17 14.63
C ALA B 322 38.99 6.14 15.99
N GLY B 323 39.83 5.14 16.21
CA GLY B 323 40.58 5.12 17.50
C GLY B 323 39.93 4.29 18.59
N TRP B 324 38.87 3.55 18.23
CA TRP B 324 38.18 2.63 19.16
C TRP B 324 38.74 1.28 19.10
N THR B 325 39.62 0.95 20.04
CA THR B 325 40.45 -0.24 19.91
CA THR B 325 40.41 -0.24 19.89
C THR B 325 40.18 -1.19 21.07
N LEU B 326 40.41 -2.47 20.86
CA LEU B 326 40.20 -3.46 21.93
C LEU B 326 41.47 -3.64 22.74
N PRO B 327 41.51 -3.08 23.96
CA PRO B 327 42.74 -3.20 24.71
C PRO B 327 43.06 -4.67 25.09
N ALA B 328 44.32 -4.89 25.51
CA ALA B 328 44.83 -6.16 26.10
C ALA B 328 43.76 -7.24 26.53
N GLY B 329 43.48 -8.23 25.66
CA GLY B 329 42.52 -9.33 25.98
C GLY B 329 41.03 -9.03 26.32
N LYS B 330 40.60 -7.76 26.20
CA LYS B 330 39.22 -7.32 26.56
C LYS B 330 38.25 -7.36 25.35
N ASP B 331 36.93 -7.37 25.60
CA ASP B 331 35.97 -7.55 24.50
C ASP B 331 35.27 -6.23 24.06
N ILE B 332 35.42 -5.21 24.89
CA ILE B 332 34.81 -3.88 24.69
C ILE B 332 35.86 -2.81 24.38
N ARG B 333 35.65 -2.16 23.26
CA ARG B 333 36.59 -1.15 22.81
C ARG B 333 36.73 0.04 23.69
N GLU B 334 37.90 0.68 23.59
CA GLU B 334 38.15 1.98 24.30
C GLU B 334 38.89 3.01 23.50
N LYS B 335 38.62 4.27 23.81
CA LYS B 335 39.33 5.36 23.20
C LYS B 335 39.50 6.51 24.20
N ASN B 336 40.76 7.00 24.35
CA ASN B 336 41.07 8.11 25.25
C ASN B 336 40.54 7.89 26.67
N GLY B 337 40.71 6.65 27.18
CA GLY B 337 40.27 6.31 28.55
C GLY B 337 38.85 5.77 28.68
N GLN B 338 37.98 6.11 27.73
CA GLN B 338 36.54 5.83 27.81
C GLN B 338 36.18 4.49 27.14
N PRO B 339 35.26 3.69 27.75
CA PRO B 339 34.79 2.44 27.09
C PRO B 339 33.74 2.83 26.05
N LEU B 340 33.55 1.97 25.07
CA LEU B 340 32.54 2.24 24.02
C LEU B 340 31.25 1.61 24.63
N ARG B 341 30.70 2.34 25.60
CA ARG B 341 29.47 1.94 26.28
C ARG B 341 28.42 2.91 25.85
N ILE B 342 27.25 2.36 25.44
CA ILE B 342 26.19 3.22 24.90
C ILE B 342 24.89 2.82 25.64
N GLU B 343 24.22 3.83 26.18
CA GLU B 343 22.92 3.54 26.86
C GLU B 343 21.75 3.44 25.90
N LEU B 344 20.99 2.33 26.00
CA LEU B 344 19.77 2.18 25.15
C LEU B 344 18.63 2.21 26.18
N SER B 345 17.90 3.31 26.18
CA SER B 345 16.81 3.44 27.19
CA SER B 345 16.80 3.54 27.15
C SER B 345 15.50 3.11 26.51
N PHE B 346 14.70 2.27 27.17
CA PHE B 346 13.48 1.76 26.51
C PHE B 346 12.47 1.53 27.63
N ILE B 347 11.22 1.36 27.24
CA ILE B 347 10.08 1.12 28.20
C ILE B 347 10.23 -0.32 28.69
N GLY B 348 10.52 -0.49 29.99
CA GLY B 348 11.09 -1.78 30.43
C GLY B 348 10.09 -2.93 30.42
N THR B 349 8.82 -2.57 30.45
CA THR B 349 7.75 -3.57 30.51
C THR B 349 7.14 -3.86 29.16
N ASP B 350 7.61 -3.15 28.14
CA ASP B 350 7.21 -3.44 26.80
C ASP B 350 8.08 -4.63 26.33
N ALA B 351 7.47 -5.80 26.22
CA ALA B 351 8.21 -7.01 25.95
C ALA B 351 8.89 -6.93 24.58
N LEU B 352 8.22 -6.35 23.61
CA LEU B 352 8.77 -6.38 22.24
C LEU B 352 10.06 -5.52 22.20
N SER B 353 9.97 -4.35 22.84
CA SER B 353 11.11 -3.40 22.95
C SER B 353 12.26 -4.08 23.67
N LYS B 354 11.92 -4.77 24.76
CA LYS B 354 12.93 -5.39 25.54
C LYS B 354 13.57 -6.49 24.72
N SER B 355 12.76 -7.29 23.97
CA SER B 355 13.33 -8.35 23.15
CA SER B 355 13.31 -8.35 23.13
CA SER B 355 13.33 -8.35 23.15
C SER B 355 14.25 -7.78 22.08
N MET B 356 13.77 -6.73 21.39
CA MET B 356 14.65 -6.15 20.36
C MET B 356 15.91 -5.60 21.00
N ALA B 357 15.73 -4.92 22.14
CA ALA B 357 16.94 -4.35 22.81
C ALA B 357 17.96 -5.44 23.09
N GLU B 358 17.50 -6.58 23.60
CA GLU B 358 18.48 -7.64 23.91
C GLU B 358 19.24 -8.10 22.66
N ILE B 359 18.52 -8.25 21.54
CA ILE B 359 19.12 -8.71 20.28
C ILE B 359 20.13 -7.65 19.78
N ILE B 360 19.68 -6.40 19.83
CA ILE B 360 20.61 -5.30 19.43
C ILE B 360 21.86 -5.28 20.33
N GLN B 361 21.66 -5.46 21.65
CA GLN B 361 22.82 -5.52 22.55
C GLN B 361 23.75 -6.66 22.12
N ALA B 362 23.20 -7.84 21.83
CA ALA B 362 24.07 -9.01 21.45
C ALA B 362 24.78 -8.70 20.16
N ASP B 363 24.06 -8.12 19.19
CA ASP B 363 24.79 -7.83 17.95
C ASP B 363 25.89 -6.81 18.16
N MET B 364 25.62 -5.75 18.92
CA MET B 364 26.60 -4.69 19.10
C MET B 364 27.80 -5.16 19.91
N ARG B 365 27.58 -6.10 20.85
CA ARG B 365 28.70 -6.68 21.57
CA ARG B 365 28.71 -6.66 21.57
C ARG B 365 29.74 -7.35 20.60
N GLN B 366 29.27 -7.91 19.49
CA GLN B 366 30.14 -8.65 18.52
C GLN B 366 31.09 -7.70 17.78
N ILE B 367 30.85 -6.39 17.84
CA ILE B 367 31.71 -5.38 17.25
C ILE B 367 32.43 -4.59 18.32
N GLY B 368 32.27 -5.01 19.59
CA GLY B 368 33.02 -4.41 20.71
C GLY B 368 32.32 -3.21 21.33
N ALA B 369 31.00 -3.09 21.15
CA ALA B 369 30.24 -1.98 21.77
C ALA B 369 29.35 -2.60 22.86
N ASP B 370 29.44 -2.03 24.04
CA ASP B 370 28.68 -2.50 25.24
C ASP B 370 27.39 -1.64 25.37
N VAL B 371 26.26 -2.22 24.97
CA VAL B 371 25.01 -1.47 25.11
C VAL B 371 24.48 -1.72 26.49
N SER B 372 24.16 -0.64 27.19
CA SER B 372 23.52 -0.79 28.53
C SER B 372 22.03 -0.76 28.33
N LEU B 373 21.33 -1.75 28.90
CA LEU B 373 19.86 -1.83 28.73
C LEU B 373 19.28 -1.07 29.88
N ILE B 374 18.72 0.07 29.59
CA ILE B 374 18.14 0.89 30.64
C ILE B 374 16.63 0.85 30.49
N GLY B 375 15.99 -0.10 31.19
CA GLY B 375 14.54 -0.29 31.07
C GLY B 375 13.94 0.63 32.10
N GLU B 376 13.10 1.51 31.65
CA GLU B 376 12.40 2.43 32.57
C GLU B 376 10.90 2.57 32.38
N GLU B 377 10.21 3.31 33.25
CA GLU B 377 8.80 3.44 33.07
C GLU B 377 8.62 4.37 31.88
N GLU B 378 7.49 4.25 31.20
CA GLU B 378 7.18 5.11 30.06
C GLU B 378 7.39 6.61 30.32
N SER B 379 6.96 7.13 31.47
CA SER B 379 7.04 8.58 31.64
C SER B 379 8.49 9.05 31.75
N SER B 380 9.35 8.16 32.23
CA SER B 380 10.78 8.44 32.34
C SER B 380 11.44 8.50 30.94
N ILE B 381 10.99 7.60 30.07
CA ILE B 381 11.43 7.56 28.66
C ILE B 381 10.97 8.80 27.90
N TYR B 382 9.72 9.24 28.14
CA TYR B 382 9.23 10.47 27.46
C TYR B 382 10.00 11.68 27.92
N ALA B 383 10.35 11.71 29.20
CA ALA B 383 11.13 12.82 29.70
C ALA B 383 12.55 12.81 29.14
N ARG B 384 13.17 11.62 29.09
CA ARG B 384 14.48 11.50 28.41
C ARG B 384 14.43 12.03 26.93
N GLN B 385 13.42 11.60 26.18
CA GLN B 385 13.27 12.06 24.76
C GLN B 385 13.24 13.57 24.69
N ARG B 386 12.53 14.21 25.65
CA ARG B 386 12.38 15.65 25.57
C ARG B 386 13.62 16.35 25.98
N ASP B 387 14.39 15.76 26.92
CA ASP B 387 15.54 16.43 27.49
C ASP B 387 16.83 16.10 26.80
N GLY B 388 16.76 15.17 25.81
CA GLY B 388 18.00 14.67 25.26
C GLY B 388 18.86 13.80 26.15
N ARG B 389 18.25 13.25 27.22
CA ARG B 389 18.98 12.43 28.14
C ARG B 389 18.93 10.99 27.65
N PHE B 390 19.57 10.74 26.51
CA PHE B 390 19.68 9.35 26.01
C PHE B 390 20.90 9.17 25.11
N GLY B 391 21.34 7.90 25.02
CA GLY B 391 22.36 7.51 24.03
C GLY B 391 21.61 7.03 22.79
N MET B 392 20.84 5.96 22.97
CA MET B 392 20.04 5.39 21.85
C MET B 392 18.64 5.19 22.40
N ILE B 393 17.62 5.47 21.59
CA ILE B 393 16.21 5.21 22.02
CA ILE B 393 16.21 5.29 22.00
C ILE B 393 15.49 4.56 20.87
N PHE B 394 14.49 3.77 21.17
CA PHE B 394 13.56 3.36 20.06
C PHE B 394 12.71 4.51 19.60
N HIS B 395 12.46 4.55 18.25
CA HIS B 395 11.67 5.63 17.74
C HIS B 395 10.94 5.12 16.51
N ARG B 396 10.04 5.91 15.93
CA ARG B 396 9.28 5.42 14.76
C ARG B 396 8.84 6.65 14.01
N THR B 397 8.55 6.48 12.71
CA THR B 397 7.93 7.59 11.92
C THR B 397 6.42 7.47 12.13
N TRP B 398 5.67 8.27 11.38
CA TRP B 398 4.25 8.52 11.77
C TRP B 398 3.23 8.00 10.80
N GLY B 399 3.69 7.44 9.68
CA GLY B 399 2.71 6.93 8.70
C GLY B 399 2.08 8.01 7.85
N ALA B 400 1.26 7.61 6.90
CA ALA B 400 0.55 8.63 6.08
C ALA B 400 -0.52 9.33 6.92
N PRO B 401 -0.78 10.60 6.65
CA PRO B 401 -0.17 11.52 5.68
C PRO B 401 0.98 12.34 6.26
N TYR B 402 1.49 11.90 7.41
CA TYR B 402 2.58 12.61 8.07
C TYR B 402 3.91 12.41 7.45
N ASP B 403 4.11 11.24 6.81
CA ASP B 403 5.46 10.96 6.34
C ASP B 403 5.61 11.37 4.85
N PRO B 404 6.68 12.12 4.52
CA PRO B 404 7.71 12.60 5.32
C PRO B 404 7.49 14.04 5.85
N HIS B 405 6.58 14.80 5.23
CA HIS B 405 6.65 16.24 5.45
C HIS B 405 6.44 16.61 6.91
N ALA B 406 5.55 15.95 7.64
CA ALA B 406 5.22 16.45 9.02
C ALA B 406 6.22 15.93 9.98
N PHE B 407 6.71 14.71 9.69
CA PHE B 407 7.78 14.17 10.54
C PHE B 407 9.04 15.06 10.44
N LEU B 408 9.32 15.55 9.22
CA LEU B 408 10.46 16.44 9.06
C LEU B 408 10.13 17.81 9.77
N SER B 409 8.94 18.34 9.54
CA SER B 409 8.60 19.62 10.21
C SER B 409 8.86 19.56 11.70
N SER B 410 8.51 18.47 12.29
CA SER B 410 8.60 18.36 13.75
CA SER B 410 8.59 18.40 13.74
C SER B 410 10.03 18.28 14.23
N MET B 411 11.00 17.96 13.33
CA MET B 411 12.41 17.87 13.74
C MET B 411 12.97 19.24 14.24
N ARG B 412 12.22 20.27 13.97
CA ARG B 412 12.66 21.63 14.24
C ARG B 412 12.21 22.02 15.63
N VAL B 413 11.33 21.27 16.25
CA VAL B 413 10.78 21.63 17.57
C VAL B 413 11.66 21.15 18.70
N PRO B 414 12.08 22.07 19.63
N PRO B 414 12.20 22.10 19.51
CA PRO B 414 13.01 21.73 20.70
CA PRO B 414 13.05 21.60 20.55
C PRO B 414 12.69 20.51 21.55
C PRO B 414 12.23 20.84 21.59
N SER B 415 11.39 20.35 21.80
N SER B 415 12.92 20.05 22.38
CA SER B 415 10.80 19.46 22.79
CA SER B 415 12.28 19.22 23.38
C SER B 415 10.84 18.02 22.42
C SER B 415 11.49 18.03 22.80
N HIS B 416 11.46 17.68 21.30
N HIS B 416 11.70 17.67 21.49
CA HIS B 416 11.25 16.36 20.81
C HIS B 416 12.51 15.54 20.56
C HIS B 416 12.50 15.55 20.55
N ALA B 417 12.34 14.23 20.43
CA ALA B 417 13.51 13.29 20.30
C ALA B 417 14.39 13.61 19.11
N ASP B 418 13.76 13.90 17.97
CA ASP B 418 14.57 14.14 16.74
C ASP B 418 15.44 15.38 16.81
N PHE B 419 14.84 16.47 17.28
CA PHE B 419 15.66 17.70 17.52
C PHE B 419 16.79 17.38 18.42
N GLN B 420 16.51 16.73 19.56
CA GLN B 420 17.59 16.41 20.46
C GLN B 420 18.67 15.53 19.89
N ALA B 421 18.26 14.48 19.17
CA ALA B 421 19.26 13.57 18.62
C ALA B 421 20.12 14.24 17.59
N GLN B 422 19.59 15.27 16.96
CA GLN B 422 20.28 15.94 15.85
C GLN B 422 21.17 17.09 16.32
N GLN B 423 21.22 17.33 17.63
CA GLN B 423 21.78 18.66 18.02
C GLN B 423 23.28 18.69 17.89
N GLY B 424 23.91 17.51 17.81
CA GLY B 424 25.35 17.42 17.63
C GLY B 424 25.82 17.65 16.16
N LEU B 425 24.86 17.80 15.21
CA LEU B 425 25.26 17.89 13.80
C LEU B 425 25.67 19.35 13.49
N ALA B 426 26.85 19.51 12.90
CA ALA B 426 27.32 20.81 12.39
C ALA B 426 26.26 21.42 11.46
N ASP B 427 25.62 20.58 10.65
CA ASP B 427 24.63 21.10 9.72
CA ASP B 427 24.60 20.99 9.68
C ASP B 427 23.16 21.10 10.21
N LYS B 428 22.94 20.92 11.52
CA LYS B 428 21.53 20.94 12.06
C LYS B 428 20.83 22.27 11.70
N PRO B 429 21.55 23.42 11.87
CA PRO B 429 20.95 24.68 11.51
C PRO B 429 20.50 24.70 10.00
N LEU B 430 21.39 24.27 9.12
CA LEU B 430 21.04 24.22 7.68
CA LEU B 430 21.05 24.22 7.69
C LEU B 430 19.85 23.27 7.45
N ILE B 431 19.86 22.11 8.09
CA ILE B 431 18.75 21.13 7.91
C ILE B 431 17.44 21.80 8.31
N ASP B 432 17.39 22.49 9.46
CA ASP B 432 16.17 23.07 9.88
C ASP B 432 15.68 24.18 8.97
N LYS B 433 16.64 24.94 8.43
CA LYS B 433 16.34 25.97 7.42
CA LYS B 433 16.32 25.97 7.43
C LYS B 433 15.72 25.36 6.19
N GLU B 434 16.35 24.27 5.70
CA GLU B 434 15.84 23.55 4.50
C GLU B 434 14.48 22.95 4.76
N ILE B 435 14.23 22.48 5.99
CA ILE B 435 12.88 21.96 6.30
C ILE B 435 11.80 23.05 6.21
N GLY B 436 12.10 24.21 6.78
CA GLY B 436 11.21 25.35 6.63
C GLY B 436 10.98 25.65 5.15
N GLU B 437 12.05 25.60 4.36
CA GLU B 437 11.96 25.97 2.94
CA GLU B 437 11.97 25.97 2.92
C GLU B 437 11.14 24.98 2.14
N VAL B 438 11.33 23.69 2.42
CA VAL B 438 10.65 22.64 1.67
C VAL B 438 9.16 22.72 1.87
N LEU B 439 8.74 23.13 3.09
CA LEU B 439 7.30 23.21 3.37
C LEU B 439 6.64 24.40 2.68
N ALA B 440 7.41 25.45 2.49
CA ALA B 440 6.81 26.70 1.93
C ALA B 440 7.09 26.92 0.44
N THR B 441 8.05 26.20 -0.13
CA THR B 441 8.37 26.51 -1.52
C THR B 441 7.20 26.19 -2.45
N HIS B 442 7.08 27.09 -3.42
CA HIS B 442 6.04 26.94 -4.43
CA HIS B 442 6.11 27.07 -4.51
C HIS B 442 6.66 26.20 -5.60
N ASP B 443 8.00 26.03 -5.60
CA ASP B 443 8.74 25.43 -6.71
C ASP B 443 8.96 23.91 -6.46
N GLU B 444 8.35 23.10 -7.30
CA GLU B 444 8.26 21.66 -7.07
C GLU B 444 9.62 21.00 -7.33
N THR B 445 10.38 21.52 -8.28
CA THR B 445 11.71 21.05 -8.54
C THR B 445 12.58 21.30 -7.30
N GLN B 446 12.47 22.51 -6.73
CA GLN B 446 13.24 22.84 -5.54
C GLN B 446 12.75 22.02 -4.34
N ARG B 447 11.45 21.78 -4.26
CA ARG B 447 10.88 20.93 -3.16
C ARG B 447 11.59 19.59 -3.19
N GLN B 448 11.63 18.96 -4.38
CA GLN B 448 12.28 17.64 -4.46
C GLN B 448 13.80 17.66 -4.10
N ALA B 449 14.51 18.70 -4.52
CA ALA B 449 15.92 18.84 -4.23
C ALA B 449 16.13 18.99 -2.72
N LEU B 450 15.26 19.77 -2.12
CA LEU B 450 15.42 19.99 -0.65
C LEU B 450 15.11 18.69 0.11
N TYR B 451 14.09 17.95 -0.33
CA TYR B 451 13.86 16.64 0.37
C TYR B 451 15.01 15.75 0.16
N ARG B 452 15.60 15.75 -1.05
CA ARG B 452 16.79 14.90 -1.22
C ARG B 452 17.90 15.34 -0.29
N ASP B 453 18.16 16.69 -0.23
CA ASP B 453 19.23 17.14 0.63
C ASP B 453 19.03 16.78 2.15
N ILE B 454 17.83 17.02 2.65
CA ILE B 454 17.55 16.71 4.09
C ILE B 454 17.69 15.26 4.36
N LEU B 455 17.03 14.45 3.54
CA LEU B 455 17.08 13.01 3.83
C LEU B 455 18.45 12.45 3.61
N THR B 456 19.18 12.96 2.60
CA THR B 456 20.47 12.41 2.40
C THR B 456 21.47 12.81 3.55
N ARG B 457 21.36 14.02 4.07
CA ARG B 457 22.23 14.44 5.20
CA ARG B 457 22.20 14.44 5.20
C ARG B 457 21.92 13.56 6.44
N LEU B 458 20.65 13.38 6.70
CA LEU B 458 20.24 12.54 7.88
C LEU B 458 20.71 11.12 7.72
N HIS B 459 20.62 10.60 6.50
CA HIS B 459 21.23 9.31 6.20
C HIS B 459 22.70 9.16 6.36
N ASP B 460 23.43 10.03 5.69
CA ASP B 460 24.90 9.93 5.72
C ASP B 460 25.46 10.33 7.14
N GLU B 461 24.74 11.14 7.89
CA GLU B 461 25.21 11.46 9.25
C GLU B 461 24.78 10.33 10.23
N ALA B 462 24.05 9.32 9.71
CA ALA B 462 23.71 8.18 10.57
C ALA B 462 23.08 8.59 11.89
N VAL B 463 22.13 9.52 11.81
CA VAL B 463 21.37 9.96 12.98
C VAL B 463 20.47 8.79 13.49
N TYR B 464 20.02 7.97 12.55
CA TYR B 464 19.06 6.85 12.89
C TYR B 464 19.74 5.53 12.62
N LEU B 465 19.18 4.47 13.21
CA LEU B 465 19.54 3.12 12.86
C LEU B 465 18.16 2.48 12.47
N PRO B 466 17.80 2.50 11.17
CA PRO B 466 16.49 1.98 10.73
C PRO B 466 16.45 0.49 10.98
N ILE B 467 15.35 0.01 11.58
CA ILE B 467 15.27 -1.45 11.88
CA ILE B 467 15.28 -1.43 11.88
C ILE B 467 14.32 -2.09 10.90
N SER B 468 13.06 -1.64 10.87
CA SER B 468 12.14 -2.31 10.00
CA SER B 468 12.08 -2.36 10.10
C SER B 468 11.02 -1.40 9.52
N TYR B 469 10.32 -1.80 8.46
CA TYR B 469 9.11 -1.07 8.10
C TYR B 469 7.96 -1.97 8.55
N ILE B 470 7.16 -1.45 9.45
CA ILE B 470 6.14 -2.28 10.07
C ILE B 470 4.78 -2.07 9.43
N SER B 471 3.91 -3.07 9.66
CA SER B 471 2.54 -3.01 9.07
C SER B 471 1.49 -2.96 10.15
N MET B 472 0.29 -2.61 9.72
CA MET B 472 -0.87 -2.83 10.59
CA MET B 472 -0.83 -2.84 10.63
C MET B 472 -1.24 -4.32 10.62
N MET B 473 -1.76 -4.78 11.77
CA MET B 473 -2.09 -6.18 11.87
CA MET B 473 -2.05 -6.19 11.99
CA MET B 473 -2.01 -6.19 12.10
C MET B 473 -3.49 -6.24 12.43
N VAL B 474 -4.20 -7.25 12.02
CA VAL B 474 -5.61 -7.43 12.45
C VAL B 474 -5.79 -8.86 12.84
N VAL B 475 -6.52 -9.07 13.94
CA VAL B 475 -7.03 -10.42 14.31
C VAL B 475 -8.51 -10.27 14.54
N SER B 476 -9.31 -11.14 13.91
CA SER B 476 -10.78 -10.85 14.03
C SER B 476 -11.54 -12.21 14.01
N LYS B 477 -12.75 -12.20 14.56
CA LYS B 477 -13.62 -13.40 14.42
C LYS B 477 -14.00 -13.48 12.94
N PRO B 478 -13.91 -14.67 12.40
CA PRO B 478 -14.16 -14.82 10.95
C PRO B 478 -15.51 -14.32 10.52
N GLU B 479 -16.53 -14.31 11.40
CA GLU B 479 -17.84 -13.74 10.99
C GLU B 479 -17.86 -12.29 10.60
N LEU B 480 -16.82 -11.51 11.06
CA LEU B 480 -16.72 -10.14 10.67
C LEU B 480 -16.20 -9.87 9.27
N GLY B 481 -15.58 -10.86 8.64
CA GLY B 481 -15.16 -10.80 7.27
C GLY B 481 -13.86 -10.05 7.16
N ASN B 482 -13.53 -9.66 5.93
CA ASN B 482 -12.25 -8.92 5.71
C ASN B 482 -12.37 -7.53 6.41
N ILE B 483 -11.31 -7.06 7.10
CA ILE B 483 -11.33 -5.78 7.78
C ILE B 483 -10.51 -4.76 6.98
N PRO B 484 -11.14 -3.65 6.58
CA PRO B 484 -10.44 -2.72 5.74
C PRO B 484 -9.46 -1.90 6.57
N TYR B 485 -8.50 -1.27 5.88
CA TYR B 485 -7.59 -0.35 6.52
C TYR B 485 -7.97 1.11 6.24
N ALA B 486 -7.90 1.96 7.24
CA ALA B 486 -8.01 3.42 6.96
C ALA B 486 -6.73 3.99 6.34
N PRO B 487 -6.83 5.00 5.42
CA PRO B 487 -5.67 5.66 4.80
C PRO B 487 -4.73 6.29 5.84
N ILE B 488 -5.30 6.84 6.89
CA ILE B 488 -4.51 7.52 7.95
C ILE B 488 -4.14 6.44 8.92
N ALA B 489 -2.83 6.27 9.07
CA ALA B 489 -2.30 5.14 9.88
C ALA B 489 -2.74 5.06 11.37
N THR B 490 -3.09 6.20 11.97
CA THR B 490 -3.63 6.23 13.30
C THR B 490 -5.20 6.09 13.42
N GLU B 491 -5.89 5.98 12.30
CA GLU B 491 -7.34 5.76 12.34
C GLU B 491 -7.70 4.32 12.21
N ILE B 492 -8.92 3.99 12.65
CA ILE B 492 -9.39 2.60 12.54
C ILE B 492 -10.80 2.70 11.95
N PRO B 493 -11.07 2.03 10.84
CA PRO B 493 -12.29 2.32 10.02
C PRO B 493 -13.53 1.52 10.48
N PHE B 494 -13.88 1.73 11.75
CA PHE B 494 -14.96 1.00 12.43
C PHE B 494 -16.28 1.16 11.72
N GLU B 495 -16.43 2.28 10.98
CA GLU B 495 -17.68 2.54 10.28
C GLU B 495 -17.79 1.72 9.00
N GLN B 496 -16.69 1.01 8.66
CA GLN B 496 -16.67 0.10 7.52
C GLN B 496 -16.95 -1.39 7.90
N ILE B 497 -17.06 -1.70 9.18
CA ILE B 497 -17.29 -3.09 9.62
C ILE B 497 -18.79 -3.55 9.58
N LYS B 498 -19.01 -4.86 9.45
CA LYS B 498 -20.37 -5.45 9.37
C LYS B 498 -20.58 -6.71 10.19
N PRO B 499 -21.60 -6.73 11.08
CA PRO B 499 -21.92 -7.89 11.92
C PRO B 499 -22.68 -8.98 11.14
N VAL B 500 -22.96 -10.11 11.82
CA VAL B 500 -23.92 -11.13 11.37
C VAL B 500 -23.34 -11.98 10.25
C ACT C . -27.32 14.12 -8.82
O ACT C . -26.78 15.11 -9.35
OXT ACT C . -27.73 13.11 -9.51
CH3 ACT C . -27.51 14.29 -7.33
C ACT D . 2.54 -37.37 -6.89
O ACT D . 2.73 -36.44 -7.67
OXT ACT D . 2.73 -38.49 -7.31
CH3 ACT D . 2.03 -37.20 -5.49
C1 GOL E . 3.60 -1.65 -18.79
O1 GOL E . 3.50 -1.39 -17.39
C2 GOL E . 4.89 -0.94 -19.17
O2 GOL E . 4.65 0.11 -20.12
C3 GOL E . 5.82 -1.93 -19.81
O3 GOL E . 6.03 -3.08 -18.99
S SO4 F . -24.35 -18.17 2.50
O1 SO4 F . -24.51 -17.12 1.47
O2 SO4 F . -24.90 -17.84 3.87
O3 SO4 F . -24.96 -19.45 2.01
O4 SO4 F . -22.89 -18.43 2.61
S SO4 G . -24.75 1.87 -38.12
O1 SO4 G . -24.66 3.20 -38.80
O2 SO4 G . -25.89 1.05 -38.61
O3 SO4 G . -23.44 1.19 -38.40
O4 SO4 G . -25.01 2.13 -36.66
C1 GOL H . -29.27 -10.17 -20.37
O1 GOL H . -28.61 -10.98 -19.39
C2 GOL H . -29.25 -8.68 -20.02
O2 GOL H . -30.58 -8.09 -19.93
C3 GOL H . -28.60 -7.98 -21.19
O3 GOL H . -29.18 -8.46 -22.40
C ACT I . -25.71 2.35 -0.83
O ACT I . -24.50 2.56 -0.96
OXT ACT I . -26.52 2.97 -1.55
CH3 ACT I . -26.21 1.39 0.24
C1 GOL J . 26.29 -33.62 -18.01
O1 GOL J . 26.57 -32.23 -17.91
C2 GOL J . 25.17 -33.88 -18.99
O2 GOL J . 24.28 -34.85 -18.43
C3 GOL J . 24.40 -32.59 -19.22
O3 GOL J . 23.48 -32.77 -20.31
C1 GOL K . -8.38 26.77 -16.67
O1 GOL K . -7.63 25.72 -17.29
C2 GOL K . -9.02 26.39 -15.32
O2 GOL K . -9.98 25.33 -15.44
C3 GOL K . -7.97 25.99 -14.29
O3 GOL K . -7.63 24.62 -14.52
C1 GOL L . 0.65 -3.69 -13.98
C1 GOL L . 1.05 -4.66 -13.80
O1 GOL L . 1.33 -4.96 -14.28
O1 GOL L . 1.60 -5.82 -14.41
C2 GOL L . -0.35 -3.37 -15.12
C2 GOL L . 0.10 -3.96 -14.76
O2 GOL L . -1.18 -4.55 -15.36
O2 GOL L . -0.85 -3.22 -14.00
C3 GOL L . 0.32 -2.86 -16.44
C3 GOL L . 0.90 -3.04 -15.69
O3 GOL L . 1.24 -1.71 -16.31
O3 GOL L . 0.55 -1.67 -15.37
C ACT M . -24.07 -22.40 -11.76
O ACT M . -25.18 -21.87 -12.11
OXT ACT M . -22.95 -21.82 -11.85
CH3 ACT M . -24.15 -23.78 -11.18
C1 GOL N . 7.17 -8.34 -17.81
O1 GOL N . 6.94 -6.93 -17.69
C2 GOL N . 8.57 -8.68 -18.35
O2 GOL N . 9.30 -9.55 -17.46
C3 GOL N . 9.40 -7.43 -18.62
O3 GOL N . 8.85 -6.67 -19.69
C ACT O . 24.36 -45.03 -14.59
O ACT O . 24.39 -46.28 -14.63
OXT ACT O . 25.40 -44.36 -14.34
CH3 ACT O . 23.04 -44.37 -14.82
C1 GOL P . 12.87 -17.99 -0.96
O1 GOL P . 12.52 -19.21 -1.66
C2 GOL P . 14.34 -17.72 -1.24
O2 GOL P . 14.53 -18.18 -2.54
C3 GOL P . 14.84 -16.27 -1.25
O3 GOL P . 16.22 -16.28 -1.58
C ACT Q . 18.91 -24.20 -23.89
O ACT Q . 19.18 -25.34 -23.49
OXT ACT Q . 18.02 -23.56 -23.33
CH3 ACT Q . 19.69 -23.54 -25.00
C ACT R . 22.79 15.06 -25.99
O ACT R . 22.46 16.13 -25.37
OXT ACT R . 23.37 15.05 -27.10
CH3 ACT R . 22.46 13.74 -25.41
C ACT S . 24.74 -28.79 -1.69
O ACT S . 24.27 -27.74 -2.20
OXT ACT S . 25.87 -28.83 -1.18
CH3 ACT S . 23.95 -30.06 -1.69
C ACT T . -8.82 -33.88 2.32
O ACT T . -8.88 -34.23 1.12
OXT ACT T . -7.76 -34.03 2.97
CH3 ACT T . -10.01 -33.26 3.01
C1 GOL U . 1.08 -13.86 9.10
O1 GOL U . 1.56 -12.68 8.49
C2 GOL U . 1.55 -15.05 8.32
O2 GOL U . 1.79 -15.98 9.41
C3 GOL U . 0.43 -15.44 7.30
O3 GOL U . 0.78 -15.48 5.87
C ACT V . -13.12 -26.26 4.16
O ACT V . -13.80 -25.73 3.26
OXT ACT V . -13.37 -25.99 5.35
CH3 ACT V . -11.98 -27.18 3.82
C ACT W . 7.22 8.55 -30.90
O ACT W . 8.37 8.71 -30.40
OXT ACT W . 6.37 9.47 -31.06
CH3 ACT W . 6.88 7.15 -31.31
C1 GOL X . -8.04 6.07 -15.04
O1 GOL X . -7.44 7.29 -15.58
C2 GOL X . -8.65 6.00 -13.64
O2 GOL X . -9.93 6.66 -13.52
C3 GOL X . -7.78 6.60 -12.55
O3 GOL X . -7.87 5.82 -11.34
C ACT Y . 8.07 -29.50 1.44
O ACT Y . 8.89 -30.47 1.48
OXT ACT Y . 7.95 -28.74 0.43
CH3 ACT Y . 7.15 -29.22 2.62
C ACT Z . -2.41 -6.05 -25.04
O ACT Z . -2.68 -5.51 -26.11
OXT ACT Z . -3.30 -6.72 -24.47
CH3 ACT Z . -1.06 -5.93 -24.39
C ACT AA . 26.05 -32.43 -6.62
O ACT AA . 24.88 -32.43 -7.02
OXT ACT AA . 27.00 -32.60 -7.44
CH3 ACT AA . 26.27 -32.23 -5.16
C1 GOL BA . -29.50 3.20 -29.75
O1 GOL BA . -29.85 3.00 -28.37
C2 GOL BA . -28.89 1.91 -30.29
O2 GOL BA . -28.89 0.84 -29.31
C3 GOL BA . -27.46 2.11 -30.78
O3 GOL BA . -27.36 3.13 -31.81
C ACT CA . -12.12 13.71 -31.90
O ACT CA . -13.28 13.29 -31.63
OXT ACT CA . -11.53 14.51 -31.12
CH3 ACT CA . -11.43 13.19 -33.14
C ACT DA . -4.21 23.62 -4.69
O ACT DA . -4.54 22.82 -3.78
OXT ACT DA . -3.05 24.11 -4.75
CH3 ACT DA . -5.25 23.99 -5.74
C ACT EA . 4.31 23.25 -11.46
O ACT EA . 5.29 22.60 -11.00
OXT ACT EA . 3.50 23.75 -10.65
CH3 ACT EA . 4.17 23.43 -12.96
C ACT FA . -22.26 16.04 -6.36
O ACT FA . -23.39 15.84 -5.87
OXT ACT FA . -21.34 15.25 -6.12
CH3 ACT FA . -22.02 17.21 -7.26
FE L4D GA . -6.52 -9.49 -19.35
CAK L4D GA . -4.66 -7.57 -15.75
CAK L4D GA . -6.11 -8.57 -15.11
CAG L4D GA . -3.71 -6.78 -16.39
CAG L4D GA . -5.08 -7.64 -14.88
CAE L4D GA . -3.63 -6.79 -17.80
CAE L4D GA . -4.21 -7.33 -15.91
CAI L4D GA . -4.50 -7.57 -18.55
CAI L4D GA . -4.40 -7.95 -17.15
NAS L4D GA . -5.42 -8.28 -17.95
NAS L4D GA . -5.38 -8.84 -17.32
CAW L4D GA . -5.50 -8.31 -16.60
CAW L4D GA . -6.21 -9.19 -16.34
CAQ L4D GA . -6.56 -9.19 -16.06
CAQ L4D GA . -7.32 -10.23 -16.67
N L4D GA . -7.43 -9.39 -17.25
N L4D GA . -7.86 -9.86 -17.98
CA L4D GA . -8.43 -8.26 -17.22
CA L4D GA . -8.84 -8.80 -17.79
C L4D GA . -8.82 -7.70 -18.61
C L4D GA . -8.82 -7.85 -18.95
OAE L4D GA . -8.20 -8.10 -19.60
OAE L4D GA . -7.85 -7.88 -19.76
O L4D GA . -9.73 -6.83 -18.63
O L4D GA . -9.78 -7.07 -18.99
CAM L4D GA . -8.14 -10.66 -17.09
CAM L4D GA . -8.58 -11.01 -18.56
CAN L4D GA . -8.88 -10.98 -18.41
CAN L4D GA . -9.01 -10.70 -19.99
NAZ L4D GA . -7.96 -11.23 -19.53
NAZ L4D GA . -7.91 -11.07 -20.88
CAP L4D GA . -7.84 -12.70 -19.70
CAP L4D GA . -8.46 -11.31 -22.26
CAR L4D GA . -8.46 -10.69 -20.82
CAR L4D GA . -7.40 -12.37 -20.30
CAX L4D GA . -7.38 -10.07 -21.75
CAX L4D GA . -5.99 -12.28 -19.65
CAL L4D GA . -7.61 -10.05 -23.14
CAL L4D GA . -5.30 -13.46 -19.37
CAH L4D GA . -6.66 -9.44 -23.97
CAH L4D GA . -4.05 -13.35 -18.81
CAF L4D GA . -5.50 -8.92 -23.40
CAF L4D GA . -3.47 -12.11 -18.56
CAJ L4D GA . -5.27 -8.97 -22.02
CAJ L4D GA . -4.19 -10.96 -18.83
NAT L4D GA . -6.24 -9.51 -21.26
NAT L4D GA . -5.41 -11.10 -19.37
C1 GOL HA . -11.69 -31.43 -14.95
O1 GOL HA . -11.51 -30.03 -15.02
C2 GOL HA . -10.23 -31.80 -14.76
O2 GOL HA . -10.01 -32.58 -13.58
C3 GOL HA . -9.86 -32.61 -16.00
O3 GOL HA . -9.65 -31.73 -17.13
C1 GOL IA . 21.49 1.80 -18.14
O1 GOL IA . 22.52 1.59 -19.12
C2 GOL IA . 21.97 2.31 -16.76
O2 GOL IA . 21.96 3.76 -16.78
C3 GOL IA . 23.28 1.68 -16.21
O3 GOL IA . 23.72 0.49 -16.92
C1 GOL JA . -8.55 -22.83 -27.79
O1 GOL JA . -9.37 -21.75 -27.30
C2 GOL JA . -7.12 -22.43 -28.02
O2 GOL JA . -6.29 -23.38 -27.34
C3 GOL JA . -6.96 -22.38 -29.55
O3 GOL JA . -8.09 -21.67 -30.14
C1 GOL KA . -0.48 -1.93 19.87
O1 GOL KA . 0.92 -1.63 20.03
C2 GOL KA . -1.27 -0.66 20.23
O2 GOL KA . -2.71 -0.96 20.27
C3 GOL KA . -1.06 0.37 19.10
O3 GOL KA . -1.48 -0.11 17.74
C1 GOL LA . 20.54 -5.04 6.44
O1 GOL LA . 21.16 -4.11 7.30
C2 GOL LA . 21.01 -6.26 7.19
O2 GOL LA . 21.32 -5.75 8.49
C3 GOL LA . 19.86 -7.20 7.34
O3 GOL LA . 20.34 -8.36 7.92
C ACT MA . 21.89 10.79 33.02
O ACT MA . 22.87 10.04 32.87
OXT ACT MA . 20.75 10.32 33.17
CH3 ACT MA . 22.10 12.28 32.99
C1 GOL NA . 8.83 1.30 18.60
O1 GOL NA . 9.61 2.44 18.11
C2 GOL NA . 9.52 -0.07 18.63
O2 GOL NA . 9.98 -0.31 19.96
C3 GOL NA . 8.46 -1.16 18.41
O3 GOL NA . 8.81 -2.14 17.43
C ACT OA . -20.35 36.51 27.71
O ACT OA . -20.09 35.35 27.28
OXT ACT OA . -19.78 37.01 28.73
CH3 ACT OA . -21.38 37.35 27.00
C1 GOL PA . -0.98 2.88 15.93
O1 GOL PA . -1.83 1.72 15.94
C2 GOL PA . -0.76 3.39 14.46
O2 GOL PA . -0.42 4.74 14.65
C3 GOL PA . 0.53 2.81 13.94
O3 GOL PA . 1.66 2.96 14.82
C ACT QA . 27.23 22.40 4.09
O ACT QA . 27.77 21.66 4.89
OXT ACT QA . 26.86 21.90 3.03
CH3 ACT QA . 27.05 23.86 4.40
C ACT RA . 33.38 1.88 35.17
O ACT RA . 33.74 1.25 34.16
OXT ACT RA . 32.61 2.85 35.04
CH3 ACT RA . 33.87 1.48 36.55
C ACT SA . 29.19 -2.14 1.01
O ACT SA . 28.62 -1.17 0.51
OXT ACT SA . 29.54 -2.16 2.22
CH3 ACT SA . 29.47 -3.32 0.13
C1 GOL TA . -24.19 -8.44 18.55
O1 GOL TA . -24.07 -8.78 17.17
C2 GOL TA . -25.68 -8.22 18.78
O2 GOL TA . -26.33 -9.28 18.08
C3 GOL TA . -26.03 -8.27 20.26
O3 GOL TA . -25.49 -9.49 20.77
C1 GOL UA . -0.88 25.51 -2.43
O1 GOL UA . -1.42 25.42 -1.11
C2 GOL UA . -0.56 24.08 -2.90
O2 GOL UA . -0.02 23.98 -4.25
C3 GOL UA . -1.82 23.22 -2.77
O3 GOL UA . -2.54 23.56 -1.58
C ACT VA . -0.86 8.89 25.40
O ACT VA . -1.26 8.13 24.50
OXT ACT VA . -1.60 9.80 25.78
CH3 ACT VA . 0.51 8.72 26.05
FE L4D WA . 1.87 12.53 18.42
CAK L4D WA . 1.81 9.48 15.57
CAK L4D WA . 1.52 9.59 14.54
CAG L4D WA . 1.20 8.39 16.19
CAG L4D WA . 1.22 8.40 15.17
CAE L4D WA . 0.70 8.49 17.50
CAE L4D WA . 1.12 8.37 16.55
CAI L4D WA . 0.84 9.71 18.20
CAI L4D WA . 1.34 9.50 17.32
NAS L4D WA . 1.43 10.71 17.57
NAS L4D WA . 1.68 10.62 16.73
CAW L4D WA . 1.94 10.67 16.33
CAW L4D WA . 1.77 10.66 15.39
CAQ L4D WA . 2.55 11.93 15.74
CAQ L4D WA . 2.09 11.96 14.83
N L4D WA . 1.93 13.13 16.41
N L4D WA . 1.66 12.90 15.87
CA L4D WA . 0.53 13.43 15.91
CA L4D WA . 0.30 13.44 15.57
C L4D WA . -0.46 13.73 17.13
C L4D WA . -0.60 13.74 16.84
OAE L4D WA . -0.15 13.36 18.29
OAE L4D WA . -0.08 13.72 17.99
O L4D WA . -1.45 14.40 16.85
O L4D WA . -1.78 14.04 16.62
CAM L4D WA . 2.81 14.30 16.13
CAM L4D WA . 2.67 13.94 15.71
CAN L4D WA . 2.95 15.30 17.29
CAN L4D WA . 2.33 14.99 16.77
NAZ L4D WA . 2.99 14.65 18.63
NAZ L4D WA . 2.90 14.49 18.03
CAP L4D WA . 2.08 15.24 19.59
CAP L4D WA . 4.36 14.61 17.99
CAR L4D WA . 4.31 14.57 19.24
CAR L4D WA . 2.37 15.27 19.17
CAX L4D WA . 4.85 13.11 19.16
CAX L4D WA . 1.91 14.36 20.33
CAL L4D WA . 6.18 12.84 19.48
CAL L4D WA . 1.69 14.94 21.59
CAH L4D WA . 6.68 11.55 19.43
CAH L4D WA . 1.29 14.14 22.65
CAF L4D WA . 5.81 10.53 19.03
CAF L4D WA . 1.11 12.77 22.48
CAJ L4D WA . 4.49 10.85 18.69
CAJ L4D WA . 1.36 12.23 21.24
NAT L4D WA . 4.04 12.11 18.76
NAT L4D WA . 1.74 13.02 20.21
C1 GOL XA . -14.09 22.13 -5.02
O1 GOL XA . -14.87 21.25 -4.22
C2 GOL XA . -12.65 21.69 -4.91
O2 GOL XA . -11.87 22.83 -5.28
C3 GOL XA . -12.39 20.59 -5.91
O3 GOL XA . -11.07 20.74 -6.45
C ACT YA . 9.32 13.34 21.34
O ACT YA . 9.58 12.75 20.26
OXT ACT YA . 10.11 13.27 22.30
CH3 ACT YA . 8.07 14.20 21.55
C1 GOL ZA . 21.53 9.91 29.14
O1 GOL ZA . 22.15 10.56 30.25
C2 GOL ZA . 22.03 8.47 29.03
O2 GOL ZA . 23.26 8.28 28.26
C3 GOL ZA . 20.98 7.56 28.44
O3 GOL ZA . 20.42 6.66 29.41
#